data_2LAQ
#
_entry.id   2LAQ
#
_entity_poly.entity_id   1
_entity_poly.type   'polypeptide(L)'
_entity_poly.pdbx_seq_one_letter_code
;WEWPWNRK(HYP)TKF(HYP)I(HYP)S(HYP)N(HYP)RDKWCRLNLGPAWGGRC
;
_entity_poly.pdbx_strand_id   A
#
# COMPACT_ATOMS: atom_id res chain seq x y z
N TRP A 1 17.55 17.56 23.19
CA TRP A 1 18.10 16.37 23.82
C TRP A 1 17.24 16.05 25.05
N GLU A 2 15.94 15.98 24.82
CA GLU A 2 14.99 15.69 25.90
C GLU A 2 13.57 15.66 25.35
N TRP A 3 13.31 14.67 24.50
CA TRP A 3 11.99 14.52 23.92
C TRP A 3 11.89 13.09 23.36
N PRO A 4 10.66 12.55 23.43
CA PRO A 4 10.41 11.12 23.10
C PRO A 4 10.66 10.68 21.62
N TRP A 5 11.86 10.27 21.20
CA TRP A 5 12.07 9.86 19.82
C TRP A 5 12.81 8.52 19.84
N ASN A 6 12.40 7.67 20.75
CA ASN A 6 13.00 6.36 20.90
C ASN A 6 12.17 5.33 20.13
N ARG A 7 12.85 4.26 19.72
CA ARG A 7 12.18 3.19 18.98
C ARG A 7 11.13 3.78 18.04
N LYS A 8 11.58 4.13 16.85
CA LYS A 8 10.69 4.70 15.85
C LYS A 8 9.72 3.63 15.37
N HYP A 9 8.59 4.11 14.75
CA HYP A 9 7.48 3.24 14.29
C HYP A 9 7.86 2.12 13.29
O HYP A 9 8.99 2.06 12.83
CB HYP A 9 6.47 4.22 13.66
CG HYP A 9 6.81 5.57 14.29
CD HYP A 9 8.33 5.50 14.38
OD1 HYP A 9 6.25 5.60 15.59
HA HYP A 9 7.05 2.76 15.18
HB2 HYP A 9 5.43 3.92 13.85
HB3 HYP A 9 6.60 4.28 12.57
HG HYP A 9 6.39 6.35 13.71
HD22 HYP A 9 8.81 5.66 13.41
HD23 HYP A 9 8.74 6.19 15.10
HD1 HYP A 9 6.46 6.44 16.02
N THR A 10 6.83 1.39 12.86
CA THR A 10 7.00 0.43 11.79
C THR A 10 5.67 0.21 11.06
N LYS A 11 5.64 -0.87 10.28
CA LYS A 11 4.44 -1.20 9.52
C LYS A 11 3.80 0.09 8.99
N PHE A 12 4.33 0.56 7.87
CA PHE A 12 3.83 1.77 7.25
C PHE A 12 2.29 1.78 7.24
N HYP A 13 1.72 2.98 6.89
CA HYP A 13 0.27 3.22 6.90
C HYP A 13 -0.59 2.34 5.96
O HYP A 13 -0.14 1.96 4.89
CB HYP A 13 0.14 4.71 6.51
CG HYP A 13 1.50 5.31 6.84
CD HYP A 13 2.44 4.18 6.45
OD1 HYP A 13 1.55 5.52 8.24
HA HYP A 13 -0.08 3.06 7.93
HB2 HYP A 13 -0.69 5.20 7.04
HB3 HYP A 13 -0.07 4.82 5.43
HG HYP A 13 1.62 6.24 6.33
HD22 HYP A 13 2.58 4.09 5.36
HD23 HYP A 13 3.42 4.26 6.93
HD1 HYP A 13 2.42 5.91 8.48
N ILE A 14 -1.85 2.18 6.34
CA ILE A 14 -2.81 1.53 5.49
C ILE A 14 -2.35 0.09 5.22
N HYP A 15 -3.33 -0.87 5.36
CA HYP A 15 -3.07 -2.32 5.24
C HYP A 15 -2.17 -2.76 4.05
O HYP A 15 -1.81 -1.93 3.21
CB HYP A 15 -4.47 -2.94 5.10
CG HYP A 15 -5.41 -1.90 5.71
CD HYP A 15 -4.76 -0.59 5.25
OD1 HYP A 15 -5.32 -2.00 7.12
HA HYP A 15 -2.58 -2.65 6.17
HB2 HYP A 15 -4.54 -3.92 5.61
HB3 HYP A 15 -4.73 -3.11 4.05
HG HYP A 15 -6.40 -2.09 5.39
HD22 HYP A 15 -4.96 -0.38 4.19
HD23 HYP A 15 -5.06 0.26 5.85
HD1 HYP A 15 -5.90 -1.35 7.53
N SER A 16 -1.97 -4.06 3.95
CA SER A 16 -1.29 -4.64 2.80
C SER A 16 -1.73 -3.91 1.54
N HYP A 17 -0.89 -2.88 1.14
CA HYP A 17 -1.17 -1.99 -0.01
C HYP A 17 -1.27 -2.67 -1.39
O HYP A 17 -0.47 -3.55 -1.71
CB HYP A 17 0.00 -0.98 0.01
CG HYP A 17 0.51 -1.03 1.45
CD HYP A 17 0.37 -2.51 1.78
OD1 HYP A 17 -0.38 -0.27 2.26
HA HYP A 17 -2.12 -1.49 0.20
HB2 HYP A 17 -0.33 0.02 -0.28
HB3 HYP A 17 0.80 -1.28 -0.68
HG HYP A 17 1.48 -0.61 1.49
HD22 HYP A 17 1.16 -3.12 1.32
HD23 HYP A 17 0.35 -2.70 2.86
HD1 HYP A 17 -0.07 -0.29 3.18
N ASN A 18 -2.15 -2.13 -2.21
CA ASN A 18 -2.24 -2.54 -3.61
C ASN A 18 -0.97 -2.10 -4.35
N HYP A 19 -0.67 -0.76 -4.21
CA HYP A 19 0.45 -0.11 -4.92
C HYP A 19 1.86 -0.68 -4.65
O HYP A 19 2.46 -0.38 -3.61
CB HYP A 19 0.37 1.36 -4.48
CG HYP A 19 -1.08 1.53 -4.02
CD HYP A 19 -1.35 0.19 -3.35
OD1 HYP A 19 -1.90 1.66 -5.17
HA HYP A 19 0.25 -0.20 -6.00
HB2 HYP A 19 0.63 2.05 -5.29
HB3 HYP A 19 1.06 1.57 -3.65
HG HYP A 19 -1.15 2.41 -3.41
HD22 HYP A 19 -0.89 0.12 -2.35
HD23 HYP A 19 -2.42 -0.03 -3.26
HD1 HYP A 19 -2.82 1.78 -4.90
N ARG A 20 2.40 -1.34 -5.66
CA ARG A 20 3.78 -1.79 -5.61
C ARG A 20 4.14 -2.28 -4.21
N ASP A 21 3.31 -3.18 -3.71
CA ASP A 21 3.52 -3.74 -2.39
C ASP A 21 2.96 -5.17 -2.34
N LYS A 22 3.86 -6.12 -2.48
CA LYS A 22 3.48 -7.52 -2.45
C LYS A 22 2.65 -7.84 -3.71
N TRP A 23 2.63 -6.88 -4.62
CA TRP A 23 1.89 -7.04 -5.86
C TRP A 23 2.47 -8.26 -6.60
N CYS A 24 1.94 -8.50 -7.78
CA CYS A 24 2.38 -9.62 -8.58
C CYS A 24 1.75 -10.90 -8.03
N ARG A 25 0.97 -11.55 -8.87
CA ARG A 25 0.30 -12.78 -8.47
C ARG A 25 0.84 -13.96 -9.30
N LEU A 26 1.49 -13.62 -10.40
CA LEU A 26 2.04 -14.63 -11.29
C LEU A 26 3.44 -14.20 -11.72
N ASN A 27 3.99 -14.96 -12.66
CA ASN A 27 5.32 -14.67 -13.18
C ASN A 27 5.29 -13.34 -13.93
N LEU A 28 6.08 -12.40 -13.43
CA LEU A 28 6.16 -11.08 -14.05
C LEU A 28 7.01 -11.17 -15.32
N GLY A 29 7.54 -10.02 -15.71
CA GLY A 29 8.37 -9.95 -16.90
C GLY A 29 9.50 -8.92 -16.72
N PRO A 30 9.25 -7.70 -17.22
CA PRO A 30 10.27 -6.64 -17.27
C PRO A 30 11.24 -6.51 -16.04
N ALA A 31 12.26 -7.33 -15.85
CA ALA A 31 13.14 -7.19 -14.71
C ALA A 31 12.68 -8.12 -13.59
N TRP A 32 12.04 -9.21 -14.00
CA TRP A 32 11.54 -10.19 -13.04
C TRP A 32 11.81 -11.58 -13.60
N GLY A 33 11.00 -12.53 -13.16
CA GLY A 33 11.14 -13.90 -13.60
C GLY A 33 11.34 -14.85 -12.42
N GLY A 34 10.56 -15.92 -12.41
CA GLY A 34 10.64 -16.90 -11.34
C GLY A 34 10.15 -16.32 -10.02
N ARG A 35 10.79 -15.25 -9.59
CA ARG A 35 10.42 -14.60 -8.35
C ARG A 35 9.07 -13.90 -8.51
N CYS A 36 8.64 -13.25 -7.42
CA CYS A 36 7.38 -12.55 -7.42
C CYS A 36 7.23 -11.82 -8.77
N TRP A 1 12.43 -4.28 26.41
CA TRP A 1 11.90 -5.63 26.27
C TRP A 1 10.45 -5.62 26.76
N GLU A 2 10.28 -5.14 27.98
CA GLU A 2 8.95 -5.07 28.57
C GLU A 2 8.17 -6.36 28.28
N TRP A 3 6.86 -6.28 28.48
CA TRP A 3 6.00 -7.42 28.24
C TRP A 3 5.08 -7.09 27.07
N PRO A 4 4.73 -8.14 26.30
CA PRO A 4 3.98 -7.97 25.03
C PRO A 4 2.52 -7.41 25.12
N TRP A 5 2.28 -6.11 25.11
CA TRP A 5 0.93 -5.60 25.18
C TRP A 5 0.91 -4.21 24.55
N ASN A 6 1.47 -4.13 23.34
CA ASN A 6 1.52 -2.89 22.61
C ASN A 6 2.39 -3.05 21.37
N ARG A 7 1.73 -3.09 20.23
CA ARG A 7 2.43 -3.26 18.96
C ARG A 7 1.97 -2.20 17.96
N LYS A 8 2.36 -0.97 18.22
CA LYS A 8 2.00 0.14 17.36
C LYS A 8 3.23 1.02 17.12
N HYP A 9 4.18 0.47 16.28
CA HYP A 9 5.48 1.11 16.00
C HYP A 9 5.42 2.50 15.32
O HYP A 9 4.39 2.88 14.78
CB HYP A 9 6.21 0.09 15.10
CG HYP A 9 5.53 -1.24 15.41
CD HYP A 9 4.07 -0.81 15.58
OD1 HYP A 9 6.03 -1.72 16.64
HA HYP A 9 6.00 1.23 16.96
HB2 HYP A 9 7.28 0.06 15.31
HB3 HYP A 9 6.08 0.35 14.04
HG HYP A 9 5.74 -1.93 14.63
HD22 HYP A 9 3.57 -0.60 14.62
HD23 HYP A 9 3.48 -1.53 16.14
HD1 HYP A 9 5.61 -2.57 16.86
N THR A 10 6.59 3.11 15.22
CA THR A 10 6.73 4.34 14.46
C THR A 10 6.12 4.16 13.05
N LYS A 11 6.02 5.28 12.35
CA LYS A 11 5.47 5.26 11.01
C LYS A 11 4.30 4.27 10.96
N PHE A 12 3.13 4.78 11.34
CA PHE A 12 1.93 3.95 11.34
C PHE A 12 1.84 3.11 10.07
N HYP A 13 0.88 2.11 10.09
CA HYP A 13 0.70 1.12 9.01
C HYP A 13 0.35 1.69 7.61
O HYP A 13 -0.64 2.42 7.48
CB HYP A 13 -0.42 0.22 9.52
CG HYP A 13 -0.40 0.39 11.04
CD HYP A 13 -0.08 1.88 11.16
OD1 HYP A 13 0.68 -0.37 11.56
HA HYP A 13 1.65 0.58 8.91
HB2 HYP A 13 -0.26 -0.83 9.22
HB3 HYP A 13 -1.39 0.52 9.11
HG HYP A 13 -1.32 0.06 11.44
HD22 HYP A 13 -0.96 2.51 10.94
HD23 HYP A 13 0.32 2.15 12.14
HD1 HYP A 13 0.72 -0.27 12.52
N ILE A 14 1.07 1.22 6.61
CA ILE A 14 0.74 1.53 5.23
C ILE A 14 0.02 0.34 4.61
N HYP A 15 -1.10 0.67 3.87
CA HYP A 15 -2.00 -0.34 3.26
C HYP A 15 -1.30 -1.53 2.52
O HYP A 15 -0.28 -1.33 1.86
CB HYP A 15 -2.86 0.47 2.27
CG HYP A 15 -2.77 1.90 2.80
CD HYP A 15 -1.32 1.98 3.28
OD1 HYP A 15 -3.65 2.01 3.91
HA HYP A 15 -2.61 -0.76 4.07
HB2 HYP A 15 -3.88 0.09 2.24
HB3 HYP A 15 -2.45 0.42 1.25
HG HYP A 15 -3.08 2.58 2.04
HD22 HYP A 15 -0.62 2.09 2.44
HD23 HYP A 15 -1.16 2.79 3.99
HD1 HYP A 15 -3.61 2.92 4.27
N SER A 16 -1.98 -2.66 2.55
CA SER A 16 -1.54 -3.80 1.76
C SER A 16 -1.99 -3.64 0.31
N HYP A 17 -1.30 -4.40 -0.59
CA HYP A 17 -1.50 -4.32 -2.06
C HYP A 17 -2.95 -4.61 -2.56
O HYP A 17 -3.53 -5.63 -2.22
CB HYP A 17 -0.52 -5.36 -2.63
CG HYP A 17 0.53 -5.53 -1.54
CD HYP A 17 -0.33 -5.45 -0.27
OD1 HYP A 17 1.41 -4.42 -1.61
HA HYP A 17 -1.23 -3.31 -2.37
HB2 HYP A 17 -0.09 -5.02 -3.58
HB3 HYP A 17 -1.02 -6.32 -2.83
HG HYP A 17 1.08 -6.43 -1.70
HD22 HYP A 17 -0.89 -6.37 -0.08
HD23 HYP A 17 0.27 -5.19 0.61
HD1 HYP A 17 2.09 -4.50 -0.92
N ASN A 18 -3.38 -3.76 -3.48
CA ASN A 18 -4.64 -4.00 -4.17
C ASN A 18 -4.42 -3.89 -5.68
N HYP A 19 -5.39 -4.49 -6.45
CA HYP A 19 -5.30 -4.58 -7.93
C HYP A 19 -5.10 -3.25 -8.68
O HYP A 19 -6.05 -2.51 -8.90
CB HYP A 19 -6.65 -5.23 -8.34
CG HYP A 19 -7.11 -5.95 -7.08
CD HYP A 19 -6.68 -4.97 -5.98
OD1 HYP A 19 -6.38 -7.16 -6.95
HA HYP A 19 -4.46 -5.25 -8.17
HB2 HYP A 19 -6.53 -5.91 -9.19
HB3 HYP A 19 -7.38 -4.47 -8.63
HG HYP A 19 -8.16 -6.16 -7.15
HD22 HYP A 19 -7.34 -4.10 -5.90
HD23 HYP A 19 -6.60 -5.46 -4.99
HD1 HYP A 19 -6.66 -7.63 -6.16
N ARG A 20 -3.88 -3.08 -9.17
CA ARG A 20 -3.58 -1.96 -10.06
C ARG A 20 -4.31 -0.70 -9.58
N ASP A 21 -4.53 -0.64 -8.27
CA ASP A 21 -5.21 0.50 -7.68
C ASP A 21 -4.45 1.78 -8.02
N LYS A 22 -4.60 2.77 -7.16
CA LYS A 22 -3.94 4.05 -7.35
C LYS A 22 -2.43 3.85 -7.21
N TRP A 23 -1.90 2.94 -8.01
CA TRP A 23 -0.47 2.66 -7.99
C TRP A 23 0.23 3.67 -8.90
N CYS A 24 1.53 3.47 -9.07
CA CYS A 24 2.32 4.35 -9.92
C CYS A 24 2.54 5.65 -9.17
N ARG A 25 2.82 5.52 -7.89
CA ARG A 25 3.06 6.69 -7.05
C ARG A 25 4.42 7.30 -7.36
N LEU A 26 5.29 6.49 -7.95
CA LEU A 26 6.61 6.94 -8.31
C LEU A 26 6.82 6.75 -9.82
N ASN A 27 8.06 6.97 -10.25
CA ASN A 27 8.40 6.84 -11.66
C ASN A 27 8.20 5.39 -12.08
N LEU A 28 7.37 5.21 -13.11
CA LEU A 28 7.09 3.89 -13.63
C LEU A 28 8.04 3.59 -14.79
N GLY A 29 7.68 2.57 -15.55
CA GLY A 29 8.48 2.17 -16.70
C GLY A 29 7.71 1.22 -17.61
N PRO A 30 7.99 -0.08 -17.46
CA PRO A 30 7.46 -1.12 -18.36
C PRO A 30 5.89 -1.22 -18.51
N ALA A 31 5.17 -0.22 -18.99
CA ALA A 31 3.73 -0.34 -19.13
C ALA A 31 3.12 1.07 -19.12
N TRP A 32 3.86 2.01 -18.56
CA TRP A 32 3.40 3.38 -18.48
C TRP A 32 4.53 4.29 -19.01
N GLY A 33 4.58 5.49 -18.44
CA GLY A 33 5.60 6.45 -18.84
C GLY A 33 5.44 7.77 -18.07
N GLY A 34 5.27 8.83 -18.83
CA GLY A 34 5.10 10.15 -18.23
C GLY A 34 5.98 10.30 -16.99
N ARG A 35 5.45 11.01 -16.00
CA ARG A 35 6.18 11.24 -14.76
C ARG A 35 5.24 11.05 -13.56
N CYS A 36 5.00 9.79 -13.24
CA CYS A 36 4.14 9.47 -12.12
C CYS A 36 4.73 10.10 -10.85
N TRP A 1 15.42 20.41 9.27
CA TRP A 1 16.36 21.50 9.06
C TRP A 1 16.46 22.30 10.36
N GLU A 2 15.40 22.22 11.14
CA GLU A 2 15.35 22.93 12.41
C GLU A 2 15.80 22.02 13.55
N TRP A 3 17.09 22.10 13.86
CA TRP A 3 17.65 21.28 14.91
C TRP A 3 17.56 19.82 14.49
N PRO A 4 18.57 19.03 14.92
CA PRO A 4 18.73 17.63 14.46
C PRO A 4 17.60 16.61 14.85
N TRP A 5 16.52 16.45 14.11
CA TRP A 5 15.49 15.49 14.49
C TRP A 5 14.97 14.83 13.22
N ASN A 6 13.71 15.11 12.91
CA ASN A 6 13.09 14.54 11.72
C ASN A 6 11.81 15.32 11.40
N ARG A 7 11.38 15.21 10.15
CA ARG A 7 10.17 15.89 9.71
C ARG A 7 8.98 14.95 9.77
N LYS A 8 8.85 14.28 10.91
CA LYS A 8 7.75 13.34 11.10
C LYS A 8 7.53 12.55 9.81
N HYP A 9 8.51 11.61 9.53
CA HYP A 9 8.53 10.82 8.30
C HYP A 9 7.32 9.88 8.06
O HYP A 9 7.00 9.05 8.91
CB HYP A 9 9.82 9.99 8.40
CG HYP A 9 10.69 10.78 9.39
CD HYP A 9 9.64 11.28 10.39
OD1 HYP A 9 11.26 11.88 8.70
HA HYP A 9 8.58 11.52 7.45
HB2 HYP A 9 10.31 9.86 7.43
HB3 HYP A 9 9.62 8.98 8.81
HG HYP A 9 11.46 10.16 9.77
HD22 HYP A 9 9.31 10.50 11.08
HD23 HYP A 9 9.99 12.15 10.96
HD1 HYP A 9 11.81 12.40 9.30
N THR A 10 6.79 9.95 6.84
CA THR A 10 5.76 9.01 6.41
C THR A 10 4.68 8.88 7.50
N LYS A 11 3.73 8.00 7.22
CA LYS A 11 2.64 7.78 8.16
C LYS A 11 2.43 6.27 8.33
N PHE A 12 3.51 5.59 8.67
CA PHE A 12 3.45 4.15 8.87
C PHE A 12 2.70 3.47 7.73
N HYP A 13 2.55 2.10 7.85
CA HYP A 13 1.95 1.25 6.81
C HYP A 13 0.43 1.46 6.56
O HYP A 13 -0.28 1.93 7.44
CB HYP A 13 2.22 -0.18 7.30
CG HYP A 13 3.42 -0.04 8.24
CD HYP A 13 3.11 1.29 8.93
OD1 HYP A 13 4.59 0.09 7.44
HA HYP A 13 2.47 1.45 5.87
HB2 HYP A 13 2.43 -0.87 6.46
HB3 HYP A 13 1.36 -0.59 7.85
HG HYP A 13 3.48 -0.90 8.86
HD22 HYP A 13 2.32 1.19 9.69
HD23 HYP A 13 4.00 1.74 9.37
HD1 HYP A 13 5.36 0.18 8.03
N ILE A 14 -0.02 0.93 5.43
CA ILE A 14 -1.44 0.89 5.14
C ILE A 14 -1.84 -0.52 4.73
N HYP A 15 -2.98 -1.01 5.33
CA HYP A 15 -3.48 -2.39 5.14
C HYP A 15 -3.48 -2.91 3.70
O HYP A 15 -3.92 -2.22 2.78
CB HYP A 15 -4.91 -2.34 5.72
CG HYP A 15 -4.91 -1.15 6.66
CD HYP A 15 -4.02 -0.16 5.90
OD1 HYP A 15 -4.26 -1.53 7.86
HA HYP A 15 -2.84 -3.04 5.74
HB2 HYP A 15 -5.17 -3.27 6.22
HB3 HYP A 15 -5.65 -2.19 4.92
HG HYP A 15 -5.91 -0.84 6.86
HD22 HYP A 15 -4.54 0.32 5.06
HD23 HYP A 15 -3.61 0.62 6.54
HD1 HYP A 15 -4.25 -0.78 8.48
N SER A 16 -3.14 -4.20 3.57
CA SER A 16 -3.27 -4.88 2.30
C SER A 16 -2.51 -4.12 1.22
N HYP A 17 -2.27 -4.83 0.06
CA HYP A 17 -1.48 -4.31 -1.07
C HYP A 17 -2.01 -3.02 -1.75
O HYP A 17 -3.14 -3.00 -2.25
CB HYP A 17 -1.45 -5.47 -2.08
CG HYP A 17 -1.73 -6.71 -1.23
CD HYP A 17 -2.77 -6.17 -0.23
OD1 HYP A 17 -0.54 -7.06 -0.54
HA HYP A 17 -0.48 -4.09 -0.69
HB2 HYP A 17 -0.49 -5.53 -2.59
HB3 HYP A 17 -2.23 -5.35 -2.85
HG HYP A 17 -2.04 -7.51 -1.86
HD22 HYP A 17 -3.77 -6.07 -0.68
HD23 HYP A 17 -2.83 -6.79 0.67
HD1 HYP A 17 -0.71 -7.84 0.00
N ASN A 18 -1.12 -2.05 -1.88
CA ASN A 18 -1.42 -0.86 -2.64
C ASN A 18 -1.51 -1.21 -4.12
N HYP A 19 -0.43 -1.88 -4.64
CA HYP A 19 -0.28 -2.23 -6.06
C HYP A 19 -1.41 -3.09 -6.67
O HYP A 19 -1.45 -4.30 -6.45
CB HYP A 19 1.06 -2.98 -6.12
CG HYP A 19 1.82 -2.51 -4.88
CD HYP A 19 0.69 -2.42 -3.85
OD1 HYP A 19 2.34 -1.22 -5.14
HA HYP A 19 -0.24 -1.29 -6.62
HB2 HYP A 19 1.61 -2.75 -7.05
HB3 HYP A 19 0.91 -4.06 -6.09
HG HYP A 19 2.60 -3.19 -4.67
HD22 HYP A 19 0.37 -3.39 -3.48
HD23 HYP A 19 0.94 -1.77 -3.01
HD1 HYP A 19 2.82 -0.90 -4.36
N ARG A 20 -2.19 -2.46 -7.54
CA ARG A 20 -3.18 -3.18 -8.32
C ARG A 20 -3.88 -4.23 -7.45
N ASP A 21 -4.42 -3.75 -6.34
CA ASP A 21 -5.13 -4.64 -5.42
C ASP A 21 -6.22 -3.85 -4.70
N LYS A 22 -7.44 -4.03 -5.18
CA LYS A 22 -8.59 -3.35 -4.60
C LYS A 22 -8.45 -1.84 -4.84
N TRP A 23 -7.49 -1.50 -5.69
CA TRP A 23 -7.25 -0.09 -6.02
C TRP A 23 -8.52 0.46 -6.66
N CYS A 24 -8.43 1.71 -7.09
CA CYS A 24 -9.56 2.37 -7.73
C CYS A 24 -10.63 2.60 -6.67
N ARG A 25 -10.19 2.99 -5.49
CA ARG A 25 -11.10 3.24 -4.39
C ARG A 25 -11.86 4.56 -4.63
N LEU A 26 -11.28 5.39 -5.48
CA LEU A 26 -11.89 6.67 -5.80
C LEU A 26 -12.24 6.71 -7.28
N ASN A 27 -12.64 7.89 -7.74
CA ASN A 27 -13.00 8.08 -9.13
C ASN A 27 -11.77 7.86 -10.01
N LEU A 28 -11.91 6.94 -10.94
CA LEU A 28 -10.81 6.63 -11.85
C LEU A 28 -10.96 7.46 -13.13
N GLY A 29 -10.24 7.05 -14.15
CA GLY A 29 -10.27 7.75 -15.43
C GLY A 29 -9.84 6.82 -16.58
N PRO A 30 -8.57 6.99 -16.99
CA PRO A 30 -8.04 6.30 -18.19
C PRO A 30 -8.10 4.73 -18.22
N ALA A 31 -9.27 4.09 -18.16
CA ALA A 31 -9.31 2.63 -18.20
C ALA A 31 -10.61 2.16 -17.54
N TRP A 32 -11.18 3.03 -16.72
CA TRP A 32 -12.42 2.71 -16.03
C TRP A 32 -13.37 3.90 -16.19
N GLY A 33 -14.19 4.10 -15.17
CA GLY A 33 -15.14 5.20 -15.18
C GLY A 33 -16.50 4.75 -14.61
N GLY A 34 -16.99 5.54 -13.68
CA GLY A 34 -18.27 5.24 -13.04
C GLY A 34 -18.09 4.28 -11.88
N ARG A 35 -17.93 4.84 -10.69
CA ARG A 35 -17.74 4.04 -9.50
C ARG A 35 -16.70 2.95 -9.74
N CYS A 36 -16.51 2.12 -8.72
CA CYS A 36 -15.56 1.04 -8.81
C CYS A 36 -15.96 -0.05 -7.82
N TRP A 1 1.84 -11.64 32.75
CA TRP A 1 0.96 -10.51 32.53
C TRP A 1 1.02 -10.14 31.05
N GLU A 2 0.34 -10.94 30.24
CA GLU A 2 0.31 -10.70 28.80
C GLU A 2 -0.60 -11.73 28.13
N TRP A 3 -0.75 -11.56 26.82
CA TRP A 3 -1.59 -12.45 26.04
C TRP A 3 -0.84 -12.82 24.76
N PRO A 4 -1.02 -14.09 24.33
CA PRO A 4 -0.24 -14.65 23.19
C PRO A 4 -0.40 -13.97 21.79
N TRP A 5 0.32 -12.92 21.44
CA TRP A 5 0.17 -12.30 20.14
C TRP A 5 1.49 -11.62 19.77
N ASN A 6 2.57 -12.15 20.34
CA ASN A 6 3.89 -11.61 20.08
C ASN A 6 3.94 -10.15 20.56
N ARG A 7 4.88 -9.90 21.46
CA ARG A 7 5.05 -8.56 22.01
C ARG A 7 5.87 -7.70 21.04
N LYS A 8 5.39 -7.63 19.81
CA LYS A 8 6.05 -6.84 18.79
C LYS A 8 5.01 -6.11 17.95
N HYP A 9 4.46 -4.99 18.53
CA HYP A 9 3.37 -4.21 17.93
C HYP A 9 3.67 -3.56 16.55
O HYP A 9 4.64 -2.83 16.42
CB HYP A 9 3.06 -3.12 18.98
CG HYP A 9 3.59 -3.70 20.29
CD HYP A 9 4.85 -4.41 19.81
OD1 HYP A 9 2.66 -4.65 20.76
HA HYP A 9 2.50 -4.88 17.80
HB2 HYP A 9 1.99 -2.88 19.02
HB3 HYP A 9 3.59 -2.18 18.74
HG HYP A 9 3.71 -2.91 20.99
HD22 HYP A 9 5.68 -3.72 19.62
HD23 HYP A 9 5.19 -5.18 20.52
HD1 HYP A 9 2.97 -5.03 21.60
N THR A 10 2.72 -3.74 15.63
CA THR A 10 2.78 -3.06 14.36
C THR A 10 2.48 -1.56 14.53
N LYS A 11 3.30 -0.76 13.88
CA LYS A 11 3.14 0.69 13.96
C LYS A 11 3.51 1.31 12.62
N PHE A 12 2.78 0.90 11.58
CA PHE A 12 3.02 1.40 10.25
C PHE A 12 1.70 1.78 9.56
N HYP A 13 1.84 2.44 8.36
CA HYP A 13 0.70 2.98 7.59
C HYP A 13 -0.31 1.93 7.05
O HYP A 13 -0.01 0.74 7.02
CB HYP A 13 1.36 3.74 6.42
CG HYP A 13 2.77 4.05 6.92
CD HYP A 13 3.10 2.77 7.70
OD1 HYP A 13 2.69 5.14 7.81
HA HYP A 13 0.15 3.67 8.25
HB2 HYP A 13 0.81 4.64 6.16
HB3 HYP A 13 1.41 3.11 5.52
HG HYP A 13 3.39 4.28 6.10
HD22 HYP A 13 3.36 1.93 7.06
HD23 HYP A 13 3.91 2.93 8.43
HD1 HYP A 13 3.58 5.36 8.13
N ILE A 14 -1.40 2.45 6.50
CA ILE A 14 -2.35 1.60 5.80
C ILE A 14 -1.64 0.86 4.67
N HYP A 15 -1.91 -0.49 4.60
CA HYP A 15 -1.26 -1.40 3.64
C HYP A 15 -1.14 -0.90 2.18
O HYP A 15 -2.12 -0.38 1.63
CB HYP A 15 -2.12 -2.69 3.70
CG HYP A 15 -2.82 -2.61 5.05
CD HYP A 15 -3.11 -1.11 5.16
OD1 HYP A 15 -1.89 -2.99 6.05
HA HYP A 15 -0.24 -1.59 4.01
HB2 HYP A 15 -1.50 -3.58 3.60
HB3 HYP A 15 -2.85 -2.70 2.89
HG HYP A 15 -3.65 -3.26 5.06
HD22 HYP A 15 -3.96 -0.80 4.53
HD23 HYP A 15 -3.30 -0.79 6.19
HD1 HYP A 15 -2.32 -2.93 6.93
N SER A 16 0.00 -1.21 1.58
CA SER A 16 0.18 -0.95 0.16
C SER A 16 -0.66 -1.93 -0.67
N HYP A 17 -0.45 -3.26 -0.37
CA HYP A 17 -1.09 -4.36 -1.11
C HYP A 17 -2.63 -4.40 -1.10
O HYP A 17 -3.23 -4.51 -0.03
CB HYP A 17 -0.51 -5.64 -0.44
CG HYP A 17 0.79 -5.17 0.22
CD HYP A 17 0.39 -3.77 0.71
OD1 HYP A 17 1.77 -5.06 -0.80
HA HYP A 17 -0.75 -4.29 -2.15
HB2 HYP A 17 -0.34 -6.44 -1.18
HB3 HYP A 17 -1.20 -6.04 0.31
HG HYP A 17 1.09 -5.87 0.94
HD22 HYP A 17 -0.23 -3.82 1.61
HD23 HYP A 17 1.26 -3.14 0.90
HD1 HYP A 17 2.61 -4.75 -0.41
N ASN A 18 -3.19 -4.46 -2.29
CA ASN A 18 -4.62 -4.67 -2.43
C ASN A 18 -4.98 -4.71 -3.92
N HYP A 19 -6.19 -5.29 -4.22
CA HYP A 19 -6.68 -5.52 -5.60
C HYP A 19 -6.84 -4.26 -6.47
O HYP A 19 -7.90 -3.63 -6.48
CB HYP A 19 -8.04 -6.21 -5.40
CG HYP A 19 -7.96 -6.83 -4.01
CD HYP A 19 -7.18 -5.74 -3.25
OD1 HYP A 19 -7.18 -8.01 -4.09
HA HYP A 19 -5.96 -6.19 -6.09
HB2 HYP A 19 -8.22 -6.97 -6.17
HB3 HYP A 19 -8.87 -5.50 -5.45
HG HYP A 19 -8.93 -7.06 -3.66
HD22 HYP A 19 -7.81 -4.89 -2.99
HD23 HYP A 19 -6.72 -6.14 -2.33
HD1 HYP A 19 -7.11 -8.41 -3.21
N ARG A 20 -5.83 -4.03 -7.30
CA ARG A 20 -5.91 -2.98 -8.30
C ARG A 20 -4.60 -2.90 -9.08
N ASP A 21 -4.01 -4.05 -9.32
CA ASP A 21 -2.74 -4.12 -10.05
C ASP A 21 -2.84 -5.23 -11.10
N LYS A 22 -2.60 -4.84 -12.34
CA LYS A 22 -2.65 -5.79 -13.45
C LYS A 22 -4.09 -6.30 -13.61
N TRP A 23 -5.00 -5.65 -12.89
CA TRP A 23 -6.40 -6.04 -12.95
C TRP A 23 -6.93 -5.68 -14.33
N CYS A 24 -8.16 -6.12 -14.59
CA CYS A 24 -8.79 -5.85 -15.88
C CYS A 24 -9.86 -6.92 -16.11
N ARG A 25 -10.79 -6.98 -15.17
CA ARG A 25 -11.88 -7.95 -15.26
C ARG A 25 -12.80 -7.60 -16.42
N LEU A 26 -12.84 -6.31 -16.75
CA LEU A 26 -13.69 -5.83 -17.83
C LEU A 26 -12.85 -4.92 -18.75
N ASN A 27 -13.55 -4.29 -19.68
CA ASN A 27 -12.90 -3.40 -20.62
C ASN A 27 -12.60 -2.06 -19.93
N LEU A 28 -11.35 -1.91 -19.52
CA LEU A 28 -10.93 -0.69 -18.85
C LEU A 28 -11.09 0.50 -19.80
N GLY A 29 -10.42 1.59 -19.45
CA GLY A 29 -10.49 2.79 -20.26
C GLY A 29 -9.16 3.05 -20.99
N PRO A 30 -8.95 4.32 -21.37
CA PRO A 30 -7.79 4.71 -22.20
C PRO A 30 -6.35 4.27 -21.73
N ALA A 31 -6.00 2.99 -21.69
CA ALA A 31 -4.67 2.60 -21.25
C ALA A 31 -4.60 1.07 -21.16
N TRP A 32 -5.76 0.48 -20.89
CA TRP A 32 -5.84 -0.97 -20.78
C TRP A 32 -6.72 -1.49 -21.92
N GLY A 33 -7.38 -2.60 -21.64
CA GLY A 33 -8.26 -3.21 -22.64
C GLY A 33 -8.81 -4.55 -22.14
N GLY A 34 -10.13 -4.64 -22.13
CA GLY A 34 -10.78 -5.87 -21.68
C GLY A 34 -10.00 -7.10 -22.14
N ARG A 35 -9.35 -6.96 -23.27
CA ARG A 35 -8.56 -8.06 -23.82
C ARG A 35 -7.40 -8.41 -22.89
N CYS A 36 -7.75 -9.09 -21.80
CA CYS A 36 -6.75 -9.49 -20.82
C CYS A 36 -6.62 -11.01 -20.86
N TRP A 1 9.34 30.82 23.05
CA TRP A 1 8.88 30.84 21.67
C TRP A 1 8.76 29.40 21.18
N GLU A 2 9.90 28.72 21.15
CA GLU A 2 9.93 27.34 20.70
C GLU A 2 9.38 26.42 21.80
N TRP A 3 8.14 26.68 22.16
CA TRP A 3 7.48 25.88 23.18
C TRP A 3 6.97 24.59 22.52
N PRO A 4 6.99 23.50 23.32
CA PRO A 4 6.68 22.15 22.80
C PRO A 4 5.23 21.89 22.26
N TRP A 5 4.89 22.14 21.00
CA TRP A 5 3.55 21.90 20.53
C TRP A 5 3.64 21.09 19.23
N ASN A 6 3.21 21.70 18.14
CA ASN A 6 3.26 21.05 16.85
C ASN A 6 2.45 19.75 16.91
N ARG A 7 1.30 19.78 16.26
CA ARG A 7 0.43 18.61 16.23
C ARG A 7 0.28 18.09 14.80
N LYS A 8 1.39 17.60 14.27
CA LYS A 8 1.40 17.07 12.91
C LYS A 8 1.93 15.62 12.94
N HYP A 9 1.00 14.68 13.29
CA HYP A 9 1.33 13.24 13.48
C HYP A 9 1.87 12.52 12.23
O HYP A 9 1.63 12.93 11.11
CB HYP A 9 -0.01 12.61 13.93
CG HYP A 9 -0.81 13.78 14.50
CD HYP A 9 -0.42 14.92 13.54
OD1 HYP A 9 -0.31 14.07 15.80
HA HYP A 9 2.08 13.18 14.27
HB2 HYP A 9 0.16 11.82 14.66
HB3 HYP A 9 -0.54 12.17 13.07
HG HYP A 9 -1.83 13.52 14.55
HD22 HYP A 9 -0.94 14.84 12.58
HD23 HYP A 9 -0.61 15.90 13.98
HD1 HYP A 9 -0.80 14.80 16.19
N THR A 10 2.47 11.35 12.48
CA THR A 10 2.89 10.47 11.41
C THR A 10 1.76 9.49 11.06
N LYS A 11 2.05 8.64 10.09
CA LYS A 11 1.07 7.65 9.65
C LYS A 11 1.79 6.33 9.36
N PHE A 12 2.20 5.66 10.43
CA PHE A 12 2.89 4.40 10.30
C PHE A 12 2.21 3.50 9.26
N HYP A 13 2.93 2.38 8.91
CA HYP A 13 2.49 1.44 7.86
C HYP A 13 1.14 0.72 8.09
O HYP A 13 0.94 0.08 9.11
CB HYP A 13 3.63 0.40 7.79
CG HYP A 13 4.84 1.13 8.38
CD HYP A 13 4.18 1.95 9.50
OD1 HYP A 13 5.35 2.01 7.38
HA HYP A 13 2.42 2.01 6.92
HB2 HYP A 13 3.81 0.06 6.75
HB3 HYP A 13 3.40 -0.49 8.38
HG HYP A 13 5.58 0.43 8.66
HD22 HYP A 13 3.95 1.33 10.38
HD23 HYP A 13 4.80 2.80 9.81
HD1 HYP A 13 6.12 2.49 7.74
N ILE A 14 0.31 0.75 7.05
CA ILE A 14 -0.93 -0.01 7.06
C ILE A 14 -1.26 -0.44 5.63
N HYP A 15 -1.65 -1.77 5.50
CA HYP A 15 -1.92 -2.40 4.20
C HYP A 15 -2.77 -1.59 3.20
O HYP A 15 -3.45 -0.63 3.59
CB HYP A 15 -2.64 -3.71 4.58
CG HYP A 15 -2.23 -3.97 6.02
CD HYP A 15 -2.21 -2.55 6.60
OD1 HYP A 15 -0.91 -4.51 6.02
HA HYP A 15 -0.95 -2.61 3.74
HB2 HYP A 15 -2.36 -4.54 3.91
HB3 HYP A 15 -3.73 -3.60 4.52
HG HYP A 15 -2.90 -4.66 6.47
HD22 HYP A 15 -3.21 -2.17 6.80
HD23 HYP A 15 -1.60 -2.48 7.50
HD1 HYP A 15 -0.62 -4.67 6.93
N SER A 16 -2.84 -2.10 1.98
CA SER A 16 -3.72 -1.54 0.98
C SER A 16 -3.39 -2.12 -0.40
N HYP A 17 -2.06 -2.02 -0.76
CA HYP A 17 -1.55 -2.42 -2.09
C HYP A 17 -1.73 -3.91 -2.46
O HYP A 17 -1.03 -4.78 -1.92
CB HYP A 17 -0.06 -2.05 -2.04
CG HYP A 17 0.03 -0.99 -0.95
CD HYP A 17 -0.98 -1.50 0.07
OD1 HYP A 17 -0.42 0.24 -1.49
HA HYP A 17 -2.08 -1.82 -2.84
HB2 HYP A 17 0.30 -1.69 -3.01
HB3 HYP A 17 0.55 -2.92 -1.77
HG HYP A 17 1.04 -0.88 -0.63
HD22 HYP A 17 -0.59 -2.34 0.66
HD23 HYP A 17 -1.33 -0.72 0.76
HD1 HYP A 17 -0.38 0.94 -0.82
N ASN A 18 -2.54 -4.14 -3.49
CA ASN A 18 -2.67 -5.47 -4.06
C ASN A 18 -2.52 -5.38 -5.57
N HYP A 19 -1.24 -5.53 -6.04
CA HYP A 19 -0.86 -5.39 -7.47
C HYP A 19 -1.39 -6.48 -8.42
O HYP A 19 -1.03 -6.50 -9.60
CB HYP A 19 0.68 -5.39 -7.45
CG HYP A 19 1.05 -4.98 -6.02
CD HYP A 19 -0.04 -5.68 -5.21
OD1 HYP A 19 0.88 -3.57 -5.92
HA HYP A 19 -1.25 -4.43 -7.81
HB2 HYP A 19 1.10 -4.71 -8.20
HB3 HYP A 19 1.08 -6.39 -7.66
HG HYP A 19 2.05 -5.24 -5.82
HD22 HYP A 19 0.14 -6.76 -5.10
HD23 HYP A 19 -0.18 -5.24 -4.21
HD1 HYP A 19 1.11 -3.29 -5.02
N ARG A 20 -2.34 -7.25 -7.92
CA ARG A 20 -3.05 -8.21 -8.75
C ARG A 20 -4.48 -7.73 -9.00
N ASP A 21 -4.64 -6.41 -8.97
CA ASP A 21 -5.94 -5.82 -9.20
C ASP A 21 -6.08 -5.45 -10.67
N LYS A 22 -6.80 -6.30 -11.39
CA LYS A 22 -7.02 -6.07 -12.82
C LYS A 22 -5.67 -6.08 -13.54
N TRP A 23 -4.66 -6.58 -12.84
CA TRP A 23 -3.32 -6.64 -13.40
C TRP A 23 -3.40 -7.39 -14.73
N CYS A 24 -2.24 -7.61 -15.32
CA CYS A 24 -2.17 -8.30 -16.60
C CYS A 24 -2.75 -7.38 -17.68
N ARG A 25 -1.85 -6.74 -18.41
CA ARG A 25 -2.26 -5.84 -19.48
C ARG A 25 -1.84 -6.40 -20.84
N LEU A 26 -0.88 -7.32 -20.80
CA LEU A 26 -0.39 -7.93 -22.01
C LEU A 26 -0.42 -9.46 -21.86
N ASN A 27 0.18 -10.13 -22.83
CA ASN A 27 0.22 -11.58 -22.81
C ASN A 27 1.03 -12.05 -21.60
N LEU A 28 0.38 -12.87 -20.77
CA LEU A 28 1.02 -13.39 -19.59
C LEU A 28 1.64 -14.76 -19.90
N GLY A 29 1.97 -15.48 -18.85
CA GLY A 29 2.57 -16.79 -19.00
C GLY A 29 2.35 -17.64 -17.75
N PRO A 30 3.39 -17.71 -16.90
CA PRO A 30 3.40 -18.61 -15.72
C PRO A 30 2.25 -18.45 -14.67
N ALA A 31 0.97 -18.63 -15.00
CA ALA A 31 -0.08 -18.49 -14.01
C ALA A 31 -1.39 -18.13 -14.72
N TRP A 32 -1.25 -17.62 -15.93
CA TRP A 32 -2.41 -17.24 -16.72
C TRP A 32 -2.17 -17.70 -18.16
N GLY A 33 -2.73 -16.94 -19.09
CA GLY A 33 -2.58 -17.25 -20.50
C GLY A 33 -3.93 -17.18 -21.22
N GLY A 34 -3.94 -16.46 -22.33
CA GLY A 34 -5.15 -16.31 -23.12
C GLY A 34 -5.72 -14.90 -22.98
N ARG A 35 -7.00 -14.84 -22.62
CA ARG A 35 -7.67 -13.56 -22.45
C ARG A 35 -7.05 -12.79 -21.29
N CYS A 36 -5.99 -12.05 -21.60
CA CYS A 36 -5.31 -11.26 -20.60
C CYS A 36 -5.85 -9.83 -20.66
N TRP A 1 23.10 9.41 7.79
CA TRP A 1 21.95 8.71 8.35
C TRP A 1 22.20 7.20 8.20
N GLU A 2 22.16 6.74 6.96
CA GLU A 2 22.37 5.34 6.67
C GLU A 2 22.44 5.10 5.16
N TRP A 3 23.63 4.74 4.71
CA TRP A 3 23.83 4.49 3.29
C TRP A 3 22.96 3.29 2.89
N PRO A 4 22.70 3.19 1.58
CA PRO A 4 21.74 2.19 1.03
C PRO A 4 22.07 0.68 1.27
N TRP A 5 22.80 -0.02 0.41
CA TRP A 5 23.10 -1.42 0.65
C TRP A 5 21.80 -2.21 0.49
N ASN A 6 21.61 -2.74 -0.71
CA ASN A 6 20.42 -3.51 -1.01
C ASN A 6 19.18 -2.67 -0.71
N ARG A 7 18.04 -3.21 -1.09
CA ARG A 7 16.77 -2.52 -0.87
C ARG A 7 15.76 -3.46 -0.20
N LYS A 8 15.88 -3.56 1.11
CA LYS A 8 14.98 -4.42 1.87
C LYS A 8 13.66 -3.70 2.09
N HYP A 9 12.60 -4.51 2.43
CA HYP A 9 11.21 -4.03 2.58
C HYP A 9 11.00 -2.91 3.63
O HYP A 9 11.87 -2.67 4.47
CB HYP A 9 10.42 -5.29 2.97
CG HYP A 9 11.28 -6.46 2.47
CD HYP A 9 12.69 -5.94 2.75
OD1 HYP A 9 11.08 -6.56 1.06
HA HYP A 9 10.89 -3.65 1.61
HB2 HYP A 9 9.41 -5.29 2.53
HB3 HYP A 9 10.30 -5.37 4.06
HG HYP A 9 10.98 -7.35 2.95
HD22 HYP A 9 12.96 -6.01 3.81
HD23 HYP A 9 13.45 -6.45 2.15
HD1 HYP A 9 11.62 -7.29 0.72
N THR A 10 9.78 -2.38 3.63
CA THR A 10 9.38 -1.45 4.66
C THR A 10 7.88 -1.58 4.96
N LYS A 11 7.40 -0.75 5.86
CA LYS A 11 6.00 -0.77 6.23
C LYS A 11 5.34 0.53 5.78
N PHE A 12 4.14 0.39 5.22
CA PHE A 12 3.40 1.53 4.73
C PHE A 12 2.05 1.64 5.44
N HYP A 13 1.39 2.83 5.25
CA HYP A 13 0.12 3.18 5.93
C HYP A 13 -1.08 2.25 5.63
O HYP A 13 -1.39 1.99 4.47
CB HYP A 13 -0.18 4.61 5.45
CG HYP A 13 1.19 5.16 5.02
CD HYP A 13 1.82 3.92 4.38
OD1 HYP A 13 1.90 5.52 6.19
HA HYP A 13 0.30 3.15 7.01
HB2 HYP A 13 -0.64 5.22 6.24
HB3 HYP A 13 -0.87 4.62 4.60
HG HYP A 13 1.04 6.01 4.41
HD22 HYP A 13 1.42 3.72 3.38
HD23 HYP A 13 2.91 3.99 4.33
HD1 HYP A 13 2.77 5.87 5.95
N ILE A 14 -1.81 1.93 6.69
CA ILE A 14 -3.07 1.21 6.54
C ILE A 14 -2.80 -0.15 5.88
N HYP A 15 -3.48 -1.21 6.44
CA HYP A 15 -3.28 -2.61 6.01
C HYP A 15 -3.22 -2.85 4.49
O HYP A 15 -3.69 -2.02 3.71
CB HYP A 15 -4.48 -3.36 6.63
CG HYP A 15 -4.92 -2.46 7.80
CD HYP A 15 -4.71 -1.07 7.20
OD1 HYP A 15 -4.02 -2.66 8.87
HA HYP A 15 -2.33 -2.96 6.44
HB2 HYP A 15 -4.20 -4.37 6.96
HB3 HYP A 15 -5.30 -3.47 5.91
HG HYP A 15 -5.90 -2.72 8.08
HD22 HYP A 15 -5.50 -0.79 6.50
HD23 HYP A 15 -4.63 -0.30 7.97
HD1 HYP A 15 -4.28 -2.11 9.62
N SER A 16 -2.80 -4.06 4.13
CA SER A 16 -2.86 -4.49 2.75
C SER A 16 -1.85 -3.71 1.91
N HYP A 17 -1.56 -4.26 0.68
CA HYP A 17 -0.55 -3.72 -0.24
C HYP A 17 -0.77 -2.27 -0.73
O HYP A 17 -1.87 -1.91 -1.15
CB HYP A 17 -0.55 -4.70 -1.43
CG HYP A 17 -1.15 -5.98 -0.86
CD HYP A 17 -2.21 -5.43 0.09
OD1 HYP A 17 -0.14 -6.64 -0.12
HA HYP A 17 0.42 -3.75 0.28
HB2 HYP A 17 0.45 -4.85 -1.85
HB3 HYP A 17 -1.18 -4.31 -2.25
HG HYP A 17 -1.49 -6.60 -1.65
HD22 HYP A 17 -3.11 -5.08 -0.43
HD23 HYP A 17 -2.50 -6.16 0.86
HD1 HYP A 17 -0.49 -7.47 0.25
N ASN A 18 0.33 -1.53 -0.80
CA ASN A 18 0.31 -0.21 -1.40
C ASN A 18 0.01 -0.34 -2.89
N HYP A 19 0.81 -1.22 -3.58
CA HYP A 19 0.76 -1.42 -5.04
C HYP A 19 -0.60 -1.89 -5.60
O HYP A 19 -0.94 -3.08 -5.51
CB HYP A 19 1.85 -2.46 -5.32
CG HYP A 19 2.80 -2.35 -4.12
CD HYP A 19 1.80 -2.11 -2.98
OD1 HYP A 19 3.60 -1.21 -4.30
HA HYP A 19 0.99 -0.45 -5.51
HB2 HYP A 19 2.36 -2.27 -6.27
HB3 HYP A 19 1.43 -3.47 -5.37
HG HYP A 19 3.39 -3.22 -4.06
HD22 HYP A 19 1.28 -3.02 -2.67
HD23 HYP A 19 2.29 -1.65 -2.10
HD1 HYP A 19 4.21 -1.12 -3.55
N ARG A 20 -1.26 -0.98 -6.32
CA ARG A 20 -2.46 -1.34 -7.05
C ARG A 20 -3.31 -2.31 -6.24
N ASP A 21 -3.60 -1.92 -5.02
CA ASP A 21 -4.41 -2.76 -4.14
C ASP A 21 -5.18 -1.87 -3.16
N LYS A 22 -6.45 -1.66 -3.48
CA LYS A 22 -7.30 -0.83 -2.64
C LYS A 22 -6.84 0.62 -2.73
N TRP A 23 -5.92 0.86 -3.65
CA TRP A 23 -5.38 2.20 -3.83
C TRP A 23 -6.54 3.12 -4.23
N CYS A 24 -6.19 4.36 -4.53
CA CYS A 24 -7.18 5.34 -4.91
C CYS A 24 -8.13 5.56 -3.73
N ARG A 25 -8.13 6.80 -3.23
CA ARG A 25 -8.98 7.15 -2.11
C ARG A 25 -10.03 8.18 -2.54
N LEU A 26 -9.77 8.81 -3.68
CA LEU A 26 -10.68 9.80 -4.21
C LEU A 26 -10.71 9.70 -5.74
N ASN A 27 -11.36 10.68 -6.35
CA ASN A 27 -11.47 10.72 -7.80
C ASN A 27 -10.15 10.26 -8.41
N LEU A 28 -10.24 9.21 -9.22
CA LEU A 28 -9.06 8.66 -9.87
C LEU A 28 -8.45 9.73 -10.78
N GLY A 29 -7.73 9.27 -11.79
CA GLY A 29 -7.08 10.17 -12.73
C GLY A 29 -7.56 9.89 -14.16
N PRO A 30 -6.75 10.38 -15.13
CA PRO A 30 -7.13 10.34 -16.57
C PRO A 30 -7.44 8.94 -17.20
N ALA A 31 -8.05 7.99 -16.51
CA ALA A 31 -8.33 6.69 -17.11
C ALA A 31 -9.26 5.90 -16.21
N TRP A 32 -10.11 6.63 -15.50
CA TRP A 32 -11.06 6.01 -14.59
C TRP A 32 -12.38 6.77 -14.68
N GLY A 33 -13.14 6.71 -13.61
CA GLY A 33 -14.42 7.39 -13.56
C GLY A 33 -14.40 8.54 -12.55
N GLY A 34 -15.42 8.57 -11.70
CA GLY A 34 -15.53 9.60 -10.70
C GLY A 34 -15.39 9.01 -9.29
N ARG A 35 -14.79 9.79 -8.41
CA ARG A 35 -14.60 9.36 -7.04
C ARG A 35 -14.03 7.94 -7.00
N CYS A 36 -13.88 7.43 -5.79
CA CYS A 36 -13.36 6.09 -5.60
C CYS A 36 -13.99 5.49 -4.35
N TRP A 1 2.10 27.56 31.28
CA TRP A 1 1.29 27.20 30.13
C TRP A 1 2.15 26.36 29.19
N GLU A 2 3.30 26.92 28.81
CA GLU A 2 4.22 26.24 27.92
C GLU A 2 4.50 24.84 28.44
N TRP A 3 4.02 23.85 27.69
CA TRP A 3 4.22 22.45 28.06
C TRP A 3 4.65 21.69 26.81
N PRO A 4 5.61 20.76 27.01
CA PRO A 4 6.25 20.04 25.89
C PRO A 4 5.34 19.11 25.01
N TRP A 5 4.02 19.13 25.11
CA TRP A 5 3.20 18.27 24.28
C TRP A 5 3.85 16.89 24.23
N ASN A 6 3.49 16.06 25.18
CA ASN A 6 4.04 14.71 25.25
C ASN A 6 3.26 13.79 24.30
N ARG A 7 3.82 12.61 24.09
CA ARG A 7 3.19 11.64 23.20
C ARG A 7 2.52 12.36 22.03
N LYS A 8 3.30 12.52 20.96
CA LYS A 8 2.79 13.18 19.77
C LYS A 8 2.61 12.14 18.66
N HYP A 9 1.77 12.53 17.64
CA HYP A 9 1.38 11.64 16.53
C HYP A 9 2.53 11.05 15.69
O HYP A 9 3.36 11.79 15.18
CB HYP A 9 0.47 12.53 15.64
CG HYP A 9 -0.03 13.63 16.59
CD HYP A 9 1.22 13.88 17.45
OD1 HYP A 9 -1.06 13.08 17.40
HA HYP A 9 0.81 10.81 16.95
HB2 HYP A 9 -0.36 11.95 15.21
HB3 HYP A 9 1.03 12.97 14.82
HG HYP A 9 -0.39 14.44 16.02
HD22 HYP A 9 1.98 14.46 16.92
HD23 HYP A 9 0.98 14.36 18.40
HD1 HYP A 9 -1.38 13.76 18.01
N THR A 10 2.43 9.76 15.46
CA THR A 10 3.35 9.08 14.54
C THR A 10 2.60 8.56 13.32
N LYS A 11 3.35 7.97 12.41
CA LYS A 11 2.76 7.42 11.20
C LYS A 11 2.63 5.91 11.34
N PHE A 12 1.70 5.36 10.56
CA PHE A 12 1.47 3.92 10.60
C PHE A 12 1.65 3.31 9.21
N HYP A 13 1.65 1.93 9.17
CA HYP A 13 1.91 1.15 7.95
C HYP A 13 0.90 1.35 6.79
O HYP A 13 -0.30 1.37 7.00
CB HYP A 13 1.88 -0.32 8.42
CG HYP A 13 2.16 -0.23 9.93
CD HYP A 13 1.41 1.05 10.31
OD1 HYP A 13 3.56 -0.03 10.09
HA HYP A 13 2.90 1.42 7.59
HB2 HYP A 13 2.61 -0.94 7.90
HB3 HYP A 13 0.89 -0.78 8.27
HG HYP A 13 1.87 -1.13 10.40
HD22 HYP A 13 0.33 0.89 10.37
HD23 HYP A 13 1.77 1.47 11.25
HD1 HYP A 13 3.77 0.03 11.04
N ILE A 14 1.46 1.33 5.57
CA ILE A 14 0.63 1.35 4.38
C ILE A 14 0.04 -0.05 4.17
N HYP A 15 -1.29 -0.08 3.84
CA HYP A 15 -2.07 -1.32 3.68
C HYP A 15 -1.41 -2.44 2.87
O HYP A 15 -0.58 -2.17 2.00
CB HYP A 15 -3.39 -0.86 3.01
CG HYP A 15 -3.48 0.63 3.34
CD HYP A 15 -2.01 1.06 3.25
OD1 HYP A 15 -3.93 0.75 4.67
HA HYP A 15 -2.27 -1.71 4.69
HB2 HYP A 15 -4.25 -1.43 3.37
HB3 HYP A 15 -3.34 -1.00 1.92
HG HYP A 15 -4.16 1.10 2.68
HD22 HYP A 15 -1.66 1.16 2.22
HD23 HYP A 15 -1.82 1.99 3.79
HD1 HYP A 15 -4.01 1.69 4.91
N SER A 16 -1.92 -3.65 3.06
CA SER A 16 -1.51 -4.78 2.23
C SER A 16 -1.93 -4.55 0.78
N HYP A 17 -3.25 -4.18 0.61
CA HYP A 17 -3.87 -4.01 -0.72
C HYP A 17 -3.27 -2.90 -1.61
O HYP A 17 -3.44 -1.72 -1.33
CB HYP A 17 -5.35 -3.70 -0.40
CG HYP A 17 -5.56 -4.26 1.01
CD HYP A 17 -4.22 -3.94 1.67
OD1 HYP A 17 -5.71 -5.67 0.89
HA HYP A 17 -3.79 -4.96 -1.25
HB2 HYP A 17 -6.03 -4.14 -1.13
HB3 HYP A 17 -5.53 -2.61 -0.40
HG HYP A 17 -6.43 -3.84 1.43
HD22 HYP A 17 -4.13 -2.89 1.95
HD23 HYP A 17 -4.03 -4.56 2.55
HD1 HYP A 17 -5.85 -6.05 1.77
N ASN A 18 -2.73 -3.34 -2.75
CA ASN A 18 -2.28 -2.41 -3.76
C ASN A 18 -3.27 -2.42 -4.94
N HYP A 19 -3.09 -1.42 -5.87
CA HYP A 19 -3.98 -1.21 -7.02
C HYP A 19 -4.18 -2.41 -7.96
O HYP A 19 -3.35 -2.67 -8.83
CB HYP A 19 -3.34 -0.03 -7.78
CG HYP A 19 -2.47 0.67 -6.73
CD HYP A 19 -1.94 -0.52 -5.93
OD1 HYP A 19 -3.32 1.46 -5.92
HA HYP A 19 -4.96 -0.92 -6.62
HB2 HYP A 19 -4.09 0.63 -8.22
HB3 HYP A 19 -2.70 -0.39 -8.61
HG HYP A 19 -1.76 1.29 -7.22
HD22 HYP A 19 -1.14 -1.04 -6.45
HD23 HYP A 19 -1.59 -0.22 -4.93
HD1 HYP A 19 -2.80 1.91 -5.24
N ARG A 20 -5.36 -3.00 -7.86
CA ARG A 20 -5.77 -4.04 -8.79
C ARG A 20 -4.57 -4.93 -9.14
N ASP A 21 -3.67 -5.06 -8.18
CA ASP A 21 -2.49 -5.88 -8.36
C ASP A 21 -2.87 -7.36 -8.28
N LYS A 22 -3.06 -7.96 -9.45
CA LYS A 22 -3.43 -9.37 -9.52
C LYS A 22 -4.62 -9.62 -8.59
N TRP A 23 -5.35 -8.56 -8.30
CA TRP A 23 -6.51 -8.65 -7.43
C TRP A 23 -7.39 -9.78 -7.94
N CYS A 24 -8.39 -10.12 -7.13
CA CYS A 24 -9.31 -11.18 -7.50
C CYS A 24 -10.09 -11.59 -6.24
N ARG A 25 -11.22 -10.91 -6.04
CA ARG A 25 -12.06 -11.19 -4.90
C ARG A 25 -12.53 -12.64 -4.92
N LEU A 26 -12.56 -13.21 -6.12
CA LEU A 26 -12.99 -14.58 -6.29
C LEU A 26 -11.76 -15.48 -6.49
N ASN A 27 -11.95 -16.55 -7.24
CA ASN A 27 -10.88 -17.48 -7.51
C ASN A 27 -9.57 -16.70 -7.71
N LEU A 28 -8.78 -16.65 -6.64
CA LEU A 28 -7.51 -15.94 -6.68
C LEU A 28 -6.60 -16.61 -7.71
N GLY A 29 -5.31 -16.42 -7.51
CA GLY A 29 -4.32 -16.99 -8.41
C GLY A 29 -3.04 -17.36 -7.66
N PRO A 30 -1.92 -16.76 -8.10
CA PRO A 30 -0.58 -17.13 -7.58
C PRO A 30 -0.33 -17.00 -6.04
N ALA A 31 -1.32 -17.03 -5.17
CA ALA A 31 -1.07 -16.92 -3.74
C ALA A 31 -2.31 -17.37 -2.97
N TRP A 32 -3.10 -18.22 -3.62
CA TRP A 32 -4.31 -18.73 -3.01
C TRP A 32 -4.54 -20.16 -3.52
N GLY A 33 -5.80 -20.49 -3.72
CA GLY A 33 -6.16 -21.80 -4.20
C GLY A 33 -7.35 -21.73 -5.17
N GLY A 34 -7.08 -22.03 -6.43
CA GLY A 34 -8.11 -22.00 -7.45
C GLY A 34 -7.52 -21.58 -8.80
N ARG A 35 -7.82 -20.34 -9.17
CA ARG A 35 -7.33 -19.80 -10.43
C ARG A 35 -8.01 -18.47 -10.73
N CYS A 36 -7.20 -17.49 -11.10
CA CYS A 36 -7.71 -16.16 -11.42
C CYS A 36 -7.42 -15.88 -12.90
N TRP A 1 -4.94 15.55 26.91
CA TRP A 1 -5.11 16.84 26.25
C TRP A 1 -4.40 16.76 24.89
N GLU A 2 -3.09 16.55 24.97
CA GLU A 2 -2.29 16.45 23.76
C GLU A 2 -3.04 15.70 22.67
N TRP A 3 -2.76 16.08 21.43
CA TRP A 3 -3.40 15.45 20.30
C TRP A 3 -2.38 15.37 19.16
N PRO A 4 -1.26 14.67 19.44
CA PRO A 4 -0.10 14.62 18.51
C PRO A 4 -0.33 13.96 17.11
N TRP A 5 -0.78 14.66 16.08
CA TRP A 5 -0.97 14.03 14.78
C TRP A 5 -1.14 15.15 13.74
N ASN A 6 -0.24 16.12 13.80
CA ASN A 6 -0.28 17.24 12.89
C ASN A 6 1.08 17.38 12.20
N ARG A 7 1.19 18.41 11.37
CA ARG A 7 2.43 18.66 10.66
C ARG A 7 3.09 17.36 10.25
N LYS A 8 2.69 16.86 9.10
CA LYS A 8 3.23 15.61 8.58
C LYS A 8 3.24 14.57 9.69
N HYP A 9 2.06 13.88 9.86
CA HYP A 9 1.83 12.90 10.94
C HYP A 9 2.78 11.67 10.96
O HYP A 9 3.73 11.60 10.18
CB HYP A 9 0.38 12.45 10.74
CG HYP A 9 -0.26 13.60 9.94
CD HYP A 9 0.88 13.99 9.02
OD1 HYP A 9 -0.53 14.66 10.84
HA HYP A 9 1.95 13.42 11.90
HB2 HYP A 9 -0.13 12.28 11.70
HB3 HYP A 9 0.32 11.51 10.17
HG HYP A 9 -1.16 13.25 9.50
HD22 HYP A 9 1.01 13.29 8.19
HD23 HYP A 9 0.76 15.00 8.61
HD1 HYP A 9 -0.94 15.39 10.36
N THR A 10 2.37 10.68 11.74
CA THR A 10 3.06 9.39 11.74
C THR A 10 3.01 8.78 10.34
N LYS A 11 4.15 8.23 9.93
CA LYS A 11 4.27 7.60 8.62
C LYS A 11 4.41 6.09 8.80
N PHE A 12 3.28 5.43 8.90
CA PHE A 12 3.27 3.99 9.07
C PHE A 12 2.45 3.31 7.97
N HYP A 13 2.61 1.95 7.88
CA HYP A 13 1.99 1.12 6.82
C HYP A 13 0.44 1.13 6.77
O HYP A 13 -0.22 0.88 7.78
CB HYP A 13 2.51 -0.30 7.11
CG HYP A 13 3.78 -0.08 7.92
CD HYP A 13 3.39 1.12 8.78
OD1 HYP A 13 4.81 0.29 7.02
HA HYP A 13 2.37 1.49 5.85
HB2 HYP A 13 2.69 -0.86 6.18
HB3 HYP A 13 1.78 -0.88 7.69
HG HYP A 13 4.04 -0.98 8.42
HD22 HYP A 13 2.73 0.84 9.62
HD23 HYP A 13 4.26 1.64 9.18
HD1 HYP A 13 5.64 0.44 7.51
N ILE A 14 -0.07 1.27 5.55
CA ILE A 14 -1.50 1.13 5.33
C ILE A 14 -1.81 -0.31 4.90
N HYP A 15 -2.89 -0.88 5.53
CA HYP A 15 -3.29 -2.28 5.34
C HYP A 15 -3.30 -2.80 3.88
O HYP A 15 -3.80 -2.13 2.98
CB HYP A 15 -4.71 -2.36 5.94
CG HYP A 15 -4.77 -1.17 6.90
CD HYP A 15 -3.97 -0.11 6.13
OD1 HYP A 15 -4.07 -1.53 8.08
HA HYP A 15 -2.59 -2.91 5.91
HB2 HYP A 15 -4.89 -3.31 6.44
HB3 HYP A 15 -5.47 -2.24 5.16
HG HYP A 15 -5.78 -0.95 7.13
HD22 HYP A 15 -4.55 0.33 5.30
HD23 HYP A 15 -3.61 0.68 6.78
HD1 HYP A 15 -4.10 -0.78 8.71
N SER A 16 -2.88 -4.05 3.74
CA SER A 16 -2.99 -4.74 2.46
C SER A 16 -2.29 -3.92 1.36
N HYP A 17 -2.06 -4.59 0.19
CA HYP A 17 -1.31 -4.02 -0.94
C HYP A 17 -1.92 -2.75 -1.59
O HYP A 17 -2.82 -2.13 -1.03
CB HYP A 17 -1.25 -5.16 -1.98
CG HYP A 17 -1.47 -6.43 -1.15
CD HYP A 17 -2.50 -5.95 -0.12
OD1 HYP A 17 -0.25 -6.74 -0.49
HA HYP A 17 -0.31 -3.76 -0.58
HB2 HYP A 17 -0.30 -5.18 -2.53
HB3 HYP A 17 -2.06 -5.07 -2.73
HG HYP A 17 -1.75 -7.23 -1.79
HD22 HYP A 17 -3.51 -5.89 -0.54
HD23 HYP A 17 -2.52 -6.58 0.78
HD1 HYP A 17 -0.35 -7.54 0.05
N ASN A 18 -1.50 -2.51 -2.82
CA ASN A 18 -2.11 -1.45 -3.62
C ASN A 18 -1.54 -1.49 -5.04
N HYP A 19 -2.16 -0.65 -5.95
CA HYP A 19 -1.83 -0.62 -7.38
C HYP A 19 -0.46 -0.01 -7.75
O HYP A 19 -0.18 0.22 -8.93
CB HYP A 19 -2.98 0.20 -8.01
CG HYP A 19 -4.11 0.08 -7.00
CD HYP A 19 -3.36 0.13 -5.68
OD1 HYP A 19 -4.72 -1.20 -7.17
HA HYP A 19 -1.84 -1.66 -7.75
HB2 HYP A 19 -3.24 -0.18 -9.00
HB3 HYP A 19 -2.68 1.25 -8.13
HG HYP A 19 -4.83 0.85 -7.18
HD22 HYP A 19 -3.04 1.13 -5.41
HD23 HYP A 19 -3.94 -0.29 -4.85
HD1 HYP A 19 -5.45 -1.30 -6.54
N ARG A 20 0.40 0.09 -6.75
CA ARG A 20 1.78 0.49 -6.97
C ARG A 20 2.70 -0.72 -6.82
N ASP A 21 2.16 -1.88 -7.11
CA ASP A 21 2.93 -3.11 -7.01
C ASP A 21 3.88 -3.21 -8.21
N LYS A 22 5.12 -2.80 -7.97
CA LYS A 22 6.13 -2.84 -9.01
C LYS A 22 5.56 -2.21 -10.29
N TRP A 23 4.56 -1.36 -10.10
CA TRP A 23 3.94 -0.69 -11.22
C TRP A 23 5.03 -0.04 -12.06
N CYS A 24 4.62 0.51 -13.20
CA CYS A 24 5.55 1.17 -14.10
C CYS A 24 4.96 1.12 -15.51
N ARG A 25 4.06 2.07 -15.77
CA ARG A 25 3.42 2.15 -17.07
C ARG A 25 3.84 3.43 -17.78
N LEU A 26 4.31 4.39 -16.99
CA LEU A 26 4.74 5.67 -17.53
C LEU A 26 6.18 5.95 -17.07
N ASN A 27 6.63 7.16 -17.36
CA ASN A 27 7.97 7.57 -16.99
C ASN A 27 8.02 7.81 -15.48
N LEU A 28 8.76 6.94 -14.80
CA LEU A 28 8.90 7.02 -13.36
C LEU A 28 9.95 8.09 -13.02
N GLY A 29 10.55 7.93 -11.85
CA GLY A 29 11.56 8.87 -11.40
C GLY A 29 12.19 8.41 -10.09
N PRO A 30 11.82 9.10 -9.00
CA PRO A 30 12.46 8.89 -7.67
C PRO A 30 12.39 7.46 -7.05
N ALA A 31 12.92 6.40 -7.68
CA ALA A 31 12.85 5.07 -7.09
C ALA A 31 12.94 4.03 -8.20
N TRP A 32 12.62 4.47 -9.41
CA TRP A 32 12.66 3.58 -10.56
C TRP A 32 13.50 4.26 -11.65
N GLY A 33 13.11 4.00 -12.89
CA GLY A 33 13.82 4.57 -14.04
C GLY A 33 13.19 4.10 -15.35
N GLY A 34 12.80 5.07 -16.16
CA GLY A 34 12.19 4.78 -17.44
C GLY A 34 12.84 3.55 -18.09
N ARG A 35 12.08 2.90 -18.96
CA ARG A 35 12.56 1.72 -19.65
C ARG A 35 12.51 0.51 -18.71
N CYS A 36 11.31 0.01 -18.50
CA CYS A 36 11.12 -1.14 -17.62
C CYS A 36 11.58 -2.39 -18.38
N TRP A 1 3.68 22.38 25.54
CA TRP A 1 3.81 22.26 24.10
C TRP A 1 4.78 21.11 23.82
N GLU A 2 4.49 19.97 24.42
CA GLU A 2 5.32 18.79 24.24
C GLU A 2 4.66 17.57 24.88
N TRP A 3 4.84 16.43 24.23
CA TRP A 3 4.27 15.19 24.72
C TRP A 3 4.98 14.03 24.03
N PRO A 4 4.85 12.83 24.63
CA PRO A 4 5.60 11.63 24.17
C PRO A 4 5.30 11.09 22.73
N TRP A 5 4.47 10.08 22.53
CA TRP A 5 4.21 9.60 21.18
C TRP A 5 5.54 9.50 20.44
N ASN A 6 6.49 8.85 21.09
CA ASN A 6 7.80 8.67 20.51
C ASN A 6 8.13 7.18 20.42
N ARG A 7 7.58 6.55 19.38
CA ARG A 7 7.79 5.13 19.16
C ARG A 7 7.71 4.80 17.67
N LYS A 8 8.85 4.90 17.01
CA LYS A 8 8.92 4.62 15.58
C LYS A 8 8.16 3.32 15.29
N HYP A 9 6.85 3.48 14.91
CA HYP A 9 5.92 2.37 14.68
C HYP A 9 6.35 1.34 13.61
O HYP A 9 6.85 1.71 12.56
CB HYP A 9 4.60 3.05 14.26
CG HYP A 9 4.71 4.47 14.83
CD HYP A 9 6.20 4.76 14.62
OD1 HYP A 9 4.44 4.41 16.23
HA HYP A 9 5.80 1.83 15.64
HB2 HYP A 9 3.72 2.52 14.66
HB3 HYP A 9 4.50 3.09 13.18
HG HYP A 9 4.02 5.10 14.35
HD22 HYP A 9 6.43 5.00 13.57
HD23 HYP A 9 6.57 5.57 15.26
HD1 HYP A 9 4.51 5.29 16.62
N THR A 10 5.99 0.09 13.87
CA THR A 10 6.17 -0.96 12.88
C THR A 10 5.00 -0.97 11.89
N LYS A 11 5.18 -1.75 10.83
CA LYS A 11 4.15 -1.85 9.81
C LYS A 11 3.52 -0.48 9.58
N PHE A 12 4.16 0.30 8.73
CA PHE A 12 3.67 1.63 8.41
C PHE A 12 2.15 1.62 8.21
N HYP A 13 1.58 2.87 8.16
CA HYP A 13 0.11 3.10 8.07
C HYP A 13 -0.58 2.51 6.82
O HYP A 13 0.02 2.41 5.76
CB HYP A 13 -0.03 4.62 8.10
CG HYP A 13 1.25 5.12 8.76
CD HYP A 13 2.28 4.15 8.18
OD1 HYP A 13 1.14 4.92 10.16
HA HYP A 13 -0.34 2.63 8.96
HB2 HYP A 13 -0.93 4.93 8.66
HB3 HYP A 13 -0.13 5.04 7.09
HG HYP A 13 1.38 6.16 8.55
HD22 HYP A 13 2.55 4.40 7.14
HD23 HYP A 13 3.20 4.10 8.77
HD1 HYP A 13 1.95 5.22 10.60
N ILE A 14 -1.89 2.29 6.97
CA ILE A 14 -2.71 1.90 5.84
C ILE A 14 -2.20 0.59 5.26
N HYP A 15 -3.17 -0.33 4.94
CA HYP A 15 -2.89 -1.70 4.46
C HYP A 15 -1.76 -1.82 3.40
O HYP A 15 -1.49 -0.88 2.67
CB HYP A 15 -4.23 -2.19 3.87
CG HYP A 15 -5.28 -1.30 4.55
CD HYP A 15 -4.55 0.04 4.62
OD1 HYP A 15 -5.48 -1.80 5.87
HA HYP A 15 -2.60 -2.30 5.33
HB2 HYP A 15 -4.39 -3.24 4.06
HB3 HYP A 15 -4.26 -2.03 2.79
HG HYP A 15 -6.18 -1.34 4.01
HD22 HYP A 15 -4.53 0.56 3.66
HD23 HYP A 15 -4.98 0.72 5.38
HD1 HYP A 15 -6.14 -1.25 6.32
N SER A 16 -1.26 -3.05 3.27
CA SER A 16 -0.32 -3.37 2.21
C SER A 16 -0.94 -3.03 0.85
N HYP A 17 -0.05 -2.95 -0.19
CA HYP A 17 -0.41 -2.54 -1.56
C HYP A 17 -1.45 -3.43 -2.28
O HYP A 17 -1.29 -4.65 -2.33
CB HYP A 17 0.92 -2.53 -2.32
CG HYP A 17 1.98 -2.39 -1.23
CD HYP A 17 1.38 -3.24 -0.12
OD1 HYP A 17 2.01 -1.03 -0.83
HA HYP A 17 -0.84 -1.52 -1.49
HB2 HYP A 17 0.96 -1.72 -3.06
HB3 HYP A 17 1.07 -3.47 -2.87
HG HYP A 17 2.93 -2.67 -1.62
HD22 HYP A 17 1.50 -4.31 -0.30
HD23 HYP A 17 1.80 -2.99 0.87
HD1 HYP A 17 2.68 -0.91 -0.14
N ASN A 18 -2.38 -2.77 -2.95
CA ASN A 18 -3.32 -3.47 -3.82
C ASN A 18 -3.75 -4.78 -3.15
N HYP A 19 -4.89 -4.69 -2.37
CA HYP A 19 -5.42 -5.81 -1.57
C HYP A 19 -5.95 -7.03 -2.36
O HYP A 19 -6.46 -7.98 -1.76
CB HYP A 19 -6.56 -5.17 -0.75
CG HYP A 19 -6.22 -3.68 -0.73
CD HYP A 19 -5.66 -3.47 -2.14
OD1 HYP A 19 -5.18 -3.48 0.23
HA HYP A 19 -4.61 -6.15 -0.92
HB2 HYP A 19 -6.62 -5.60 0.27
HB3 HYP A 19 -7.53 -5.33 -1.22
HG HYP A 19 -7.08 -3.13 -0.46
HD22 HYP A 19 -6.45 -3.44 -2.90
HD23 HYP A 19 -5.04 -2.58 -2.21
HD1 HYP A 19 -4.96 -2.54 0.26
N ARG A 20 -5.64 -7.02 -3.65
CA ARG A 20 -5.91 -8.19 -4.49
C ARG A 20 -4.69 -8.53 -5.34
N ASP A 21 -3.54 -8.11 -4.84
CA ASP A 21 -2.29 -8.37 -5.53
C ASP A 21 -1.53 -9.50 -4.82
N LYS A 22 -1.19 -10.51 -5.59
CA LYS A 22 -0.47 -11.66 -5.06
C LYS A 22 -1.17 -12.14 -3.78
N TRP A 23 -2.45 -11.80 -3.68
CA TRP A 23 -3.23 -12.19 -2.53
C TRP A 23 -3.49 -13.70 -2.61
N CYS A 24 -4.25 -14.19 -1.65
CA CYS A 24 -4.58 -15.61 -1.60
C CYS A 24 -3.30 -16.38 -1.31
N ARG A 25 -3.16 -16.79 -0.06
CA ARG A 25 -1.98 -17.54 0.37
C ARG A 25 -2.32 -19.03 0.44
N LEU A 26 -3.60 -19.32 0.49
CA LEU A 26 -4.07 -20.70 0.56
C LEU A 26 -4.72 -21.09 -0.77
N ASN A 27 -5.39 -22.22 -0.75
CA ASN A 27 -6.06 -22.72 -1.94
C ASN A 27 -7.33 -21.90 -2.18
N LEU A 28 -7.36 -21.23 -3.32
CA LEU A 28 -8.50 -20.42 -3.68
C LEU A 28 -9.53 -21.28 -4.42
N GLY A 29 -10.46 -20.59 -5.09
CA GLY A 29 -11.49 -21.29 -5.84
C GLY A 29 -12.17 -20.34 -6.83
N PRO A 30 -13.35 -19.84 -6.44
CA PRO A 30 -14.21 -19.03 -7.35
C PRO A 30 -13.59 -17.75 -7.98
N ALA A 31 -12.53 -17.81 -8.78
CA ALA A 31 -11.97 -16.60 -9.38
C ALA A 31 -10.49 -16.84 -9.70
N TRP A 32 -9.93 -17.84 -9.04
CA TRP A 32 -8.53 -18.17 -9.25
C TRP A 32 -8.42 -19.70 -9.35
N GLY A 33 -7.29 -20.21 -8.88
CA GLY A 33 -7.06 -21.64 -8.92
C GLY A 33 -5.67 -21.95 -9.49
N GLY A 34 -4.93 -22.78 -8.76
CA GLY A 34 -3.60 -23.16 -9.18
C GLY A 34 -2.54 -22.64 -8.19
N ARG A 35 -1.35 -22.45 -8.70
CA ARG A 35 -0.25 -21.95 -7.89
C ARG A 35 -0.59 -20.57 -7.32
N CYS A 36 -0.96 -20.57 -6.05
CA CYS A 36 -1.31 -19.33 -5.39
C CYS A 36 -0.57 -19.28 -4.05
N TRP A 1 17.52 -1.83 31.52
CA TRP A 1 16.77 -0.60 31.79
C TRP A 1 15.31 -0.87 31.40
N GLU A 2 15.09 -0.94 30.10
CA GLU A 2 13.74 -1.19 29.58
C GLU A 2 12.72 -0.35 30.36
N TRP A 3 12.97 0.95 30.40
CA TRP A 3 12.08 1.86 31.10
C TRP A 3 11.73 3.00 30.15
N PRO A 4 11.01 2.64 29.07
CA PRO A 4 10.71 3.59 27.96
C PRO A 4 9.83 4.85 28.30
N TRP A 5 10.37 5.99 28.68
CA TRP A 5 9.54 7.14 28.98
C TRP A 5 9.37 7.95 27.69
N ASN A 6 9.07 7.24 26.62
CA ASN A 6 8.88 7.87 25.33
C ASN A 6 7.52 7.46 24.75
N ARG A 7 6.69 8.46 24.54
CA ARG A 7 5.35 8.23 24.00
C ARG A 7 5.07 9.19 22.85
N LYS A 8 5.54 8.83 21.67
CA LYS A 8 5.34 9.65 20.49
C LYS A 8 4.99 8.76 19.30
N HYP A 9 3.78 8.11 19.39
CA HYP A 9 3.29 7.14 18.40
C HYP A 9 3.11 7.66 16.95
O HYP A 9 2.54 8.72 16.75
CB HYP A 9 1.93 6.66 18.97
CG HYP A 9 2.03 6.97 20.47
CD HYP A 9 2.79 8.30 20.46
OD1 HYP A 9 2.83 5.96 21.07
HA HYP A 9 4.02 6.31 18.37
HB2 HYP A 9 1.77 5.60 18.77
HB3 HYP A 9 1.10 7.22 18.52
HG HYP A 9 1.06 6.97 20.89
HD22 HYP A 9 2.15 9.14 20.17
HD23 HYP A 9 3.27 8.51 21.42
HD1 HYP A 9 2.90 6.14 22.02
N THR A 10 3.47 6.81 16.00
CA THR A 10 3.20 7.08 14.60
C THR A 10 2.21 6.07 14.04
N LYS A 11 1.79 6.32 12.81
CA LYS A 11 0.85 5.43 12.14
C LYS A 11 1.26 5.28 10.68
N PHE A 12 2.49 4.84 10.48
CA PHE A 12 3.01 4.65 9.12
C PHE A 12 2.16 3.64 8.35
N HYP A 13 2.31 2.32 8.76
CA HYP A 13 1.66 1.18 8.08
C HYP A 13 0.60 1.54 7.01
O HYP A 13 -0.32 2.30 7.29
CB HYP A 13 1.02 0.38 9.24
CG HYP A 13 1.80 0.81 10.47
CD HYP A 13 2.05 2.29 10.19
OD1 HYP A 13 3.04 0.11 10.46
HA HYP A 13 2.45 0.61 7.59
HB2 HYP A 13 1.06 -0.69 9.05
HB3 HYP A 13 -0.04 0.65 9.36
HG HYP A 13 1.25 0.55 11.34
HD22 HYP A 13 1.15 2.90 10.37
HD23 HYP A 13 2.88 2.69 10.78
HD1 HYP A 13 3.57 0.36 11.24
N ILE A 14 0.70 0.85 5.89
CA ILE A 14 -0.32 0.95 4.86
C ILE A 14 -0.91 -0.44 4.59
N HYP A 15 -2.28 -0.49 4.50
CA HYP A 15 -3.04 -1.75 4.34
C HYP A 15 -2.49 -2.75 3.30
O HYP A 15 -1.56 -2.43 2.55
CB HYP A 15 -4.45 -1.29 3.95
CG HYP A 15 -4.53 0.16 4.46
CD HYP A 15 -3.11 0.66 4.18
OD1 HYP A 15 -4.75 0.12 5.86
HA HYP A 15 -3.05 -2.25 5.32
HB2 HYP A 15 -5.23 -1.93 4.39
HB3 HYP A 15 -4.60 -1.31 2.86
HG HYP A 15 -5.33 0.66 3.98
HD22 HYP A 15 -2.95 0.88 3.12
HD23 HYP A 15 -2.85 1.53 4.77
HD1 HYP A 15 -4.80 1.02 6.21
N SER A 16 -3.20 -3.86 3.17
CA SER A 16 -2.91 -4.82 2.12
C SER A 16 -2.71 -4.08 0.79
N HYP A 17 -1.40 -3.77 0.49
CA HYP A 17 -1.01 -2.98 -0.70
C HYP A 17 -1.44 -3.55 -2.07
O HYP A 17 -0.85 -4.51 -2.55
CB HYP A 17 0.53 -2.92 -0.60
CG HYP A 17 0.83 -3.18 0.88
CD HYP A 17 -0.22 -4.22 1.23
OD1 HYP A 17 0.57 -1.97 1.59
HA HYP A 17 -1.45 -1.99 -0.59
HB2 HYP A 17 0.92 -1.95 -0.94
HB3 HYP A 17 1.00 -3.69 -1.22
HG HYP A 17 1.85 -3.45 0.98
HD22 HYP A 17 0.03 -5.22 0.85
HD23 HYP A 17 -0.42 -4.28 2.30
HD1 HYP A 17 0.75 -2.11 2.53
N ASN A 18 -2.33 -2.81 -2.72
CA ASN A 18 -2.71 -3.12 -4.08
C ASN A 18 -3.60 -2.00 -4.62
N HYP A 19 -3.38 -1.65 -5.93
CA HYP A 19 -4.07 -0.54 -6.62
C HYP A 19 -5.61 -0.54 -6.54
O HYP A 19 -6.28 -1.09 -7.41
CB HYP A 19 -3.61 -0.65 -8.08
CG HYP A 19 -2.30 -1.44 -8.01
CD HYP A 19 -2.61 -2.45 -6.89
OD1 HYP A 19 -1.27 -0.56 -7.59
HA HYP A 19 -3.70 0.40 -6.16
HB2 HYP A 19 -3.47 0.33 -8.54
HB3 HYP A 19 -4.35 -1.20 -8.68
HG HYP A 19 -2.07 -1.84 -8.96
HD22 HYP A 19 -3.26 -3.26 -7.23
HD23 HYP A 19 -1.70 -2.87 -6.45
HD1 HYP A 19 -0.43 -1.04 -7.53
N ARG A 20 -6.10 0.22 -5.57
CA ARG A 20 -7.54 0.46 -5.46
C ARG A 20 -7.85 1.32 -4.24
N ASP A 21 -6.96 2.26 -3.97
CA ASP A 21 -7.12 3.15 -2.84
C ASP A 21 -6.43 4.48 -3.14
N LYS A 22 -7.24 5.52 -3.25
CA LYS A 22 -6.71 6.85 -3.52
C LYS A 22 -6.16 6.89 -4.95
N TRP A 23 -6.41 5.81 -5.67
CA TRP A 23 -5.94 5.70 -7.05
C TRP A 23 -6.71 6.73 -7.89
N CYS A 24 -6.46 6.69 -9.18
CA CYS A 24 -7.12 7.61 -10.10
C CYS A 24 -6.61 9.02 -9.82
N ARG A 25 -5.62 9.43 -10.59
CA ARG A 25 -5.04 10.76 -10.43
C ARG A 25 -5.77 11.76 -11.32
N LEU A 26 -6.44 11.24 -12.34
CA LEU A 26 -7.18 12.08 -13.27
C LEU A 26 -8.67 11.77 -13.14
N ASN A 27 -9.44 12.31 -14.08
CA ASN A 27 -10.87 12.10 -14.08
C ASN A 27 -11.18 10.67 -14.52
N LEU A 28 -11.88 9.96 -13.66
CA LEU A 28 -12.24 8.58 -13.94
C LEU A 28 -13.50 8.56 -14.81
N GLY A 29 -14.11 7.38 -14.88
CA GLY A 29 -15.32 7.21 -15.68
C GLY A 29 -16.20 6.10 -15.11
N PRO A 30 -16.16 4.93 -15.79
CA PRO A 30 -17.07 3.81 -15.47
C PRO A 30 -17.05 3.25 -14.00
N ALA A 31 -17.33 4.01 -12.96
CA ALA A 31 -17.32 3.48 -11.61
C ALA A 31 -17.04 4.62 -10.62
N TRP A 32 -16.49 5.70 -11.15
CA TRP A 32 -16.17 6.86 -10.33
C TRP A 32 -16.53 8.11 -11.13
N GLY A 33 -15.76 9.16 -10.90
CA GLY A 33 -15.99 10.42 -11.57
C GLY A 33 -14.71 11.25 -11.66
N GLY A 34 -14.81 12.49 -11.22
CA GLY A 34 -13.67 13.39 -11.23
C GLY A 34 -13.21 13.72 -9.82
N ARG A 35 -12.36 14.75 -9.72
CA ARG A 35 -11.85 15.18 -8.43
C ARG A 35 -11.54 13.96 -7.55
N CYS A 36 -10.43 13.31 -7.86
CA CYS A 36 -10.00 12.14 -7.12
C CYS A 36 -9.14 12.61 -5.94
N TRP A 1 22.45 9.00 20.58
CA TRP A 1 23.42 7.91 20.49
C TRP A 1 22.70 6.62 20.87
N GLU A 2 22.19 5.94 19.85
CA GLU A 2 21.48 4.70 20.06
C GLU A 2 21.97 3.63 19.07
N TRP A 3 22.42 2.52 19.60
CA TRP A 3 22.92 1.43 18.78
C TRP A 3 21.88 1.15 17.69
N PRO A 4 22.38 0.71 16.52
CA PRO A 4 21.52 0.54 15.32
C PRO A 4 20.37 -0.51 15.38
N TRP A 5 19.78 -0.83 16.53
CA TRP A 5 18.70 -1.81 16.56
C TRP A 5 17.41 -1.11 16.14
N ASN A 6 17.41 0.20 16.30
CA ASN A 6 16.25 1.00 15.94
C ASN A 6 14.97 0.26 16.36
N ARG A 7 14.91 -0.06 17.64
CA ARG A 7 13.76 -0.77 18.18
C ARG A 7 12.85 0.20 18.94
N LYS A 8 12.54 1.31 18.28
CA LYS A 8 11.68 2.32 18.87
C LYS A 8 10.61 2.74 17.86
N HYP A 9 9.53 1.89 17.76
CA HYP A 9 8.45 2.07 16.77
C HYP A 9 7.62 3.37 16.90
O HYP A 9 7.47 3.91 17.99
CB HYP A 9 7.54 0.84 17.00
CG HYP A 9 8.45 -0.19 17.67
CD HYP A 9 9.30 0.71 18.58
OD1 HYP A 9 9.27 -0.77 16.67
HA HYP A 9 8.90 2.05 15.78
HB2 HYP A 9 7.11 0.48 16.05
HB3 HYP A 9 6.70 1.09 17.66
HG HYP A 9 7.86 -0.94 18.13
HD22 HYP A 9 8.76 1.03 19.47
HD23 HYP A 9 10.24 0.22 18.88
HD1 HYP A 9 9.87 -1.42 17.07
N THR A 10 7.01 3.75 15.77
CA THR A 10 6.06 4.85 15.77
C THR A 10 4.91 4.56 14.81
N LYS A 11 3.95 5.47 14.80
CA LYS A 11 2.79 5.33 13.93
C LYS A 11 3.26 5.14 12.49
N PHE A 12 3.11 3.92 12.01
CA PHE A 12 3.50 3.59 10.65
C PHE A 12 2.30 3.19 9.81
N HYP A 13 2.53 3.10 8.45
CA HYP A 13 1.48 2.82 7.45
C HYP A 13 0.75 1.47 7.60
O HYP A 13 1.38 0.44 7.84
CB HYP A 13 2.21 2.89 6.10
CG HYP A 13 3.46 3.73 6.40
CD HYP A 13 3.83 3.26 7.80
OD1 HYP A 13 3.07 5.10 6.43
HA HYP A 13 0.74 3.62 7.53
HB2 HYP A 13 1.59 3.33 5.31
HB3 HYP A 13 2.52 1.89 5.76
HG HYP A 13 4.18 3.58 5.63
HD22 HYP A 13 4.32 2.28 7.80
HD23 HYP A 13 4.47 3.97 8.33
HD1 HYP A 13 3.85 5.65 6.62
N ILE A 14 -0.55 1.51 7.30
CA ILE A 14 -1.32 0.29 7.21
C ILE A 14 -1.42 -0.16 5.76
N HYP A 15 -1.21 -1.50 5.55
CA HYP A 15 -1.16 -2.13 4.21
C HYP A 15 -2.27 -1.69 3.22
O HYP A 15 -3.43 -1.58 3.59
CB HYP A 15 -1.25 -3.64 4.49
CG HYP A 15 -0.78 -3.77 5.94
CD HYP A 15 -1.38 -2.52 6.58
OD1 HYP A 15 0.63 -3.69 5.94
HA HYP A 15 -0.19 -1.86 3.76
HB2 HYP A 15 -0.63 -4.22 3.80
HB3 HYP A 15 -2.28 -4.00 4.39
HG HYP A 15 -1.09 -4.72 6.32
HD22 HYP A 15 -2.46 -2.62 6.76
HD23 HYP A 15 -0.88 -2.25 7.51
HD1 HYP A 15 0.95 -3.77 6.86
N SER A 16 -1.88 -1.63 1.95
CA SER A 16 -2.85 -1.40 0.89
C SER A 16 -2.40 -2.12 -0.39
N HYP A 17 -2.75 -3.45 -0.47
CA HYP A 17 -2.33 -4.34 -1.56
C HYP A 17 -2.80 -3.94 -2.99
O HYP A 17 -3.87 -3.34 -3.15
CB HYP A 17 -2.92 -5.71 -1.18
CG HYP A 17 -3.13 -5.62 0.33
CD HYP A 17 -3.58 -4.17 0.49
OD1 HYP A 17 -1.87 -5.79 0.96
HA HYP A 17 -1.24 -4.36 -1.57
HB2 HYP A 17 -2.24 -6.54 -1.46
HB3 HYP A 17 -3.88 -5.89 -1.68
HG HYP A 17 -3.80 -6.38 0.64
HD22 HYP A 17 -4.63 -4.03 0.19
HD23 HYP A 17 -3.45 -3.80 1.51
HD1 HYP A 17 -1.97 -5.75 1.92
N ASN A 18 -2.05 -4.43 -3.97
CA ASN A 18 -2.46 -4.28 -5.35
C ASN A 18 -3.61 -5.25 -5.66
N HYP A 19 -3.32 -6.57 -5.43
CA HYP A 19 -4.25 -7.68 -5.74
C HYP A 19 -5.68 -7.54 -5.18
O HYP A 19 -5.91 -7.77 -4.00
CB HYP A 19 -3.56 -8.93 -5.15
CG HYP A 19 -2.08 -8.54 -5.07
CD HYP A 19 -2.18 -7.07 -4.65
OD1 HYP A 19 -1.53 -8.64 -6.37
HA HYP A 19 -4.32 -7.74 -6.83
HB2 HYP A 19 -3.73 -9.81 -5.79
HB3 HYP A 19 -3.95 -9.16 -4.15
HG HYP A 19 -1.59 -9.20 -4.40
HD22 HYP A 19 -2.42 -6.95 -3.59
HD23 HYP A 19 -1.26 -6.52 -4.88
HD1 HYP A 19 -0.59 -8.40 -6.33
N ARG A 20 -6.62 -7.32 -6.09
CA ARG A 20 -8.02 -7.33 -5.75
C ARG A 20 -8.26 -6.59 -4.43
N ASP A 21 -7.65 -5.41 -4.34
CA ASP A 21 -7.79 -4.59 -3.14
C ASP A 21 -8.84 -3.51 -3.38
N LYS A 22 -9.84 -3.50 -2.52
CA LYS A 22 -10.91 -2.52 -2.62
C LYS A 22 -11.29 -2.35 -4.09
N TRP A 23 -11.08 -3.41 -4.85
CA TRP A 23 -11.41 -3.39 -6.27
C TRP A 23 -12.93 -3.35 -6.41
N CYS A 24 -13.37 -3.32 -7.66
CA CYS A 24 -14.80 -3.29 -7.94
C CYS A 24 -14.99 -3.48 -9.44
N ARG A 25 -15.85 -4.43 -9.78
CA ARG A 25 -16.13 -4.73 -11.18
C ARG A 25 -16.96 -3.61 -11.80
N LEU A 26 -17.49 -2.75 -10.93
CA LEU A 26 -18.30 -1.64 -11.37
C LEU A 26 -17.61 -0.33 -11.02
N ASN A 27 -18.41 0.71 -10.84
CA ASN A 27 -17.89 2.02 -10.50
C ASN A 27 -17.93 2.20 -8.98
N LEU A 28 -16.82 2.70 -8.45
CA LEU A 28 -16.72 2.92 -7.01
C LEU A 28 -17.38 4.26 -6.65
N GLY A 29 -17.17 4.67 -5.42
CA GLY A 29 -17.73 5.92 -4.94
C GLY A 29 -18.87 5.68 -3.95
N PRO A 30 -20.09 6.08 -4.38
CA PRO A 30 -21.28 6.06 -3.48
C PRO A 30 -21.60 4.72 -2.72
N ALA A 31 -20.73 4.20 -1.85
CA ALA A 31 -21.05 2.97 -1.15
C ALA A 31 -19.74 2.24 -0.80
N TRP A 32 -18.68 2.62 -1.50
CA TRP A 32 -17.39 2.02 -1.28
C TRP A 32 -16.42 3.12 -0.88
N GLY A 33 -15.18 2.97 -1.33
CA GLY A 33 -14.15 3.95 -1.03
C GLY A 33 -12.75 3.33 -1.18
N GLY A 34 -11.91 4.01 -1.94
CA GLY A 34 -10.56 3.55 -2.17
C GLY A 34 -10.08 3.91 -3.58
N ARG A 35 -9.59 2.89 -4.28
CA ARG A 35 -9.10 3.09 -5.63
C ARG A 35 -9.46 1.89 -6.50
N CYS A 36 -10.47 2.09 -7.34
CA CYS A 36 -10.92 1.04 -8.23
C CYS A 36 -10.80 1.53 -9.67
N TRP A 1 22.04 19.06 6.98
CA TRP A 1 22.87 18.50 5.92
C TRP A 1 23.43 17.17 6.40
N GLU A 2 22.51 16.25 6.66
CA GLU A 2 22.91 14.93 7.12
C GLU A 2 22.32 13.84 6.21
N TRP A 3 23.15 12.85 5.92
CA TRP A 3 22.72 11.75 5.07
C TRP A 3 21.48 11.11 5.68
N PRO A 4 20.58 10.64 4.80
CA PRO A 4 19.25 10.13 5.22
C PRO A 4 19.21 8.86 6.14
N TRP A 5 19.28 8.96 7.46
CA TRP A 5 19.24 7.78 8.30
C TRP A 5 19.23 8.23 9.75
N ASN A 6 18.34 9.16 10.05
CA ASN A 6 18.21 9.69 11.40
C ASN A 6 16.98 9.09 12.07
N ARG A 7 17.20 8.52 13.24
CA ARG A 7 16.11 7.90 13.99
C ARG A 7 15.11 7.24 13.03
N LYS A 8 15.37 5.97 12.73
CA LYS A 8 14.51 5.23 11.84
C LYS A 8 13.05 5.55 12.15
N HYP A 9 12.24 5.71 11.04
CA HYP A 9 10.82 6.11 11.11
C HYP A 9 9.93 5.32 12.09
O HYP A 9 10.35 4.29 12.61
CB HYP A 9 10.31 5.96 9.67
CG HYP A 9 11.58 6.00 8.81
CD HYP A 9 12.58 5.26 9.69
OD1 HYP A 9 11.97 7.36 8.69
HA HYP A 9 10.81 7.17 11.41
HB2 HYP A 9 9.60 6.73 9.40
HB3 HYP A 9 9.81 4.98 9.53
HG HYP A 9 11.38 5.60 7.85
HD22 HYP A 9 12.43 4.17 9.66
HD23 HYP A 9 13.61 5.48 9.43
HD1 HYP A 9 12.78 7.43 8.15
N THR A 10 8.68 5.75 12.18
CA THR A 10 7.68 5.00 12.92
C THR A 10 7.00 3.97 12.02
N LYS A 11 6.11 3.20 12.62
CA LYS A 11 5.39 2.18 11.89
C LYS A 11 4.52 2.84 10.82
N PHE A 12 4.79 2.48 9.58
CA PHE A 12 4.05 3.02 8.45
C PHE A 12 2.58 2.58 8.50
N HYP A 13 1.75 3.19 7.58
CA HYP A 13 0.30 2.99 7.53
C HYP A 13 -0.17 1.53 7.31
O HYP A 13 0.37 0.82 6.46
CB HYP A 13 -0.16 3.88 6.36
CG HYP A 13 0.94 4.93 6.22
CD HYP A 13 2.20 4.08 6.51
OD1 HYP A 13 0.76 5.89 7.25
HA HYP A 13 -0.11 3.34 8.48
HB2 HYP A 13 -1.14 4.33 6.56
HB3 HYP A 13 -0.26 3.30 5.42
HG HYP A 13 0.88 5.38 5.27
HD22 HYP A 13 2.48 3.45 5.66
HD23 HYP A 13 3.05 4.69 6.80
HD1 HYP A 13 1.46 6.56 7.17
N ILE A 14 -1.26 1.19 7.99
CA ILE A 14 -1.92 -0.09 7.76
C ILE A 14 -2.00 -0.35 6.25
N HYP A 15 -1.65 -1.62 5.87
CA HYP A 15 -1.56 -2.06 4.46
C HYP A 15 -2.74 -1.63 3.55
O HYP A 15 -3.74 -1.10 4.02
CB HYP A 15 -1.47 -3.59 4.55
CG HYP A 15 -0.96 -3.87 5.95
CD HYP A 15 -1.67 -2.78 6.76
OD1 HYP A 15 0.44 -3.62 5.96
HA HYP A 15 -0.64 -1.63 4.05
HB2 HYP A 15 -0.81 -4.01 3.78
HB3 HYP A 15 -2.46 -4.05 4.41
HG HYP A 15 -1.16 -4.88 6.22
HD22 HYP A 15 -2.73 -3.02 6.94
HD23 HYP A 15 -1.18 -2.58 7.71
HD1 HYP A 15 0.79 -3.79 6.86
N SER A 16 -2.62 -2.03 2.29
CA SER A 16 -3.72 -1.86 1.36
C SER A 16 -3.30 -2.32 -0.05
N HYP A 17 -2.14 -1.73 -0.52
CA HYP A 17 -1.61 -1.96 -1.88
C HYP A 17 -1.24 -3.42 -2.23
O HYP A 17 -0.24 -3.95 -1.73
CB HYP A 17 -0.36 -1.06 -1.95
CG HYP A 17 -0.60 0.00 -0.87
CD HYP A 17 -1.28 -0.83 0.23
OD1 HYP A 17 -1.52 0.95 -1.38
HA HYP A 17 -2.37 -1.63 -2.59
HB2 HYP A 17 -0.23 -0.62 -2.95
HB3 HYP A 17 0.55 -1.63 -1.72
HG HYP A 17 0.32 0.47 -0.63
HD22 HYP A 17 -0.56 -1.44 0.78
HD23 HYP A 17 -1.84 -0.20 0.93
HD1 HYP A 17 -1.68 1.64 -0.73
N ASN A 18 -1.98 -3.97 -3.19
CA ASN A 18 -1.65 -5.27 -3.74
C ASN A 18 -1.33 -5.11 -5.23
N HYP A 19 -0.70 -6.20 -5.81
CA HYP A 19 -0.22 -6.21 -7.20
C HYP A 19 -1.28 -5.90 -8.29
O HYP A 19 -2.04 -6.77 -8.68
CB HYP A 19 0.34 -7.64 -7.39
CG HYP A 19 0.64 -8.12 -5.97
CD HYP A 19 -0.53 -7.51 -5.18
OD1 HYP A 19 1.85 -7.52 -5.56
HA HYP A 19 0.58 -5.46 -7.28
HB2 HYP A 19 1.23 -7.65 -8.03
HB3 HYP A 19 -0.42 -8.30 -7.86
HG HYP A 19 0.72 -9.17 -5.97
HD22 HYP A 19 -1.46 -8.06 -5.33
HD23 HYP A 19 -0.32 -7.44 -4.11
HD1 HYP A 19 2.07 -7.81 -4.66
N ARG A 20 -1.16 -4.70 -8.84
CA ARG A 20 -1.97 -4.32 -9.99
C ARG A 20 -3.38 -4.90 -9.86
N ASP A 21 -3.83 -4.98 -8.62
CA ASP A 21 -5.16 -5.50 -8.35
C ASP A 21 -6.22 -4.53 -8.88
N LYS A 22 -6.73 -4.87 -10.05
CA LYS A 22 -7.75 -4.03 -10.69
C LYS A 22 -7.34 -2.56 -10.57
N TRP A 23 -6.04 -2.35 -10.47
CA TRP A 23 -5.50 -1.00 -10.36
C TRP A 23 -6.01 -0.19 -11.57
N CYS A 24 -5.40 0.98 -11.74
CA CYS A 24 -5.78 1.86 -12.83
C CYS A 24 -6.03 1.00 -14.07
N ARG A 25 -7.31 0.76 -14.34
CA ARG A 25 -7.71 -0.04 -15.49
C ARG A 25 -8.44 0.82 -16.51
N LEU A 26 -8.93 1.96 -16.04
CA LEU A 26 -9.66 2.87 -16.90
C LEU A 26 -9.32 4.31 -16.51
N ASN A 27 -10.05 5.24 -17.10
CA ASN A 27 -9.84 6.65 -16.82
C ASN A 27 -9.73 6.86 -15.31
N LEU A 28 -8.50 6.90 -14.84
CA LEU A 28 -8.24 7.09 -13.42
C LEU A 28 -8.68 8.49 -13.01
N GLY A 29 -8.22 8.91 -11.84
CA GLY A 29 -8.56 10.23 -11.32
C GLY A 29 -7.54 10.68 -10.28
N PRO A 30 -7.92 10.53 -9.00
CA PRO A 30 -7.12 11.07 -7.87
C PRO A 30 -5.62 10.63 -7.76
N ALA A 31 -4.75 10.91 -8.71
CA ALA A 31 -3.36 10.50 -8.59
C ALA A 31 -2.74 10.39 -9.99
N TRP A 32 -3.61 10.25 -10.98
CA TRP A 32 -3.17 10.14 -12.36
C TRP A 32 -3.79 11.29 -13.14
N GLY A 33 -4.04 11.01 -14.42
CA GLY A 33 -4.63 12.02 -15.30
C GLY A 33 -5.61 11.38 -16.28
N GLY A 34 -5.43 11.71 -17.55
CA GLY A 34 -6.29 11.17 -18.59
C GLY A 34 -6.00 9.69 -18.83
N ARG A 35 -4.92 9.43 -19.56
CA ARG A 35 -4.54 8.07 -19.85
C ARG A 35 -4.53 7.21 -18.59
N CYS A 36 -4.22 5.94 -18.76
CA CYS A 36 -4.18 5.02 -17.63
C CYS A 36 -5.48 5.17 -16.84
N TRP A 1 17.51 -4.41 15.51
CA TRP A 1 18.16 -3.36 14.76
C TRP A 1 17.45 -2.04 15.06
N GLU A 2 18.00 -1.29 16.00
CA GLU A 2 17.43 -0.02 16.40
C GLU A 2 18.46 0.83 17.13
N TRP A 3 19.71 0.65 16.75
CA TRP A 3 20.80 1.39 17.37
C TRP A 3 20.41 2.86 17.40
N PRO A 4 20.87 3.55 18.46
CA PRO A 4 20.45 4.96 18.72
C PRO A 4 20.88 6.05 17.68
N TRP A 5 20.14 6.30 16.59
CA TRP A 5 20.55 7.32 15.64
C TRP A 5 19.38 8.29 15.47
N ASN A 6 18.83 8.29 14.26
CA ASN A 6 17.72 9.16 13.95
C ASN A 6 16.42 8.52 14.44
N ARG A 7 15.38 9.34 14.54
CA ARG A 7 14.09 8.87 15.00
C ARG A 7 13.07 8.91 13.87
N LYS A 8 13.39 8.19 12.80
CA LYS A 8 12.52 8.14 11.65
C LYS A 8 11.07 8.02 12.11
N HYP A 9 10.12 8.37 11.17
CA HYP A 9 8.67 8.43 11.44
C HYP A 9 8.03 7.12 11.96
O HYP A 9 8.70 6.09 12.06
CB HYP A 9 8.05 8.84 10.10
CG HYP A 9 9.19 9.52 9.34
CD HYP A 9 10.39 8.66 9.76
OD1 HYP A 9 9.34 10.83 9.85
HA HYP A 9 8.51 9.21 12.20
HB2 HYP A 9 7.19 9.51 10.23
HB3 HYP A 9 7.70 7.95 9.54
HG HYP A 9 8.96 9.55 8.31
HD22 HYP A 9 10.41 7.69 9.23
HD23 HYP A 9 11.34 9.17 9.62
HD1 HYP A 9 10.06 11.28 9.39
N THR A 10 6.72 7.18 12.14
CA THR A 10 5.95 5.99 12.45
C THR A 10 6.14 4.93 11.37
N LYS A 11 5.50 3.78 11.59
CA LYS A 11 5.59 2.68 10.64
C LYS A 11 4.65 2.96 9.47
N PHE A 12 4.96 2.31 8.35
CA PHE A 12 4.16 2.48 7.15
C PHE A 12 2.66 2.46 7.48
N HYP A 13 1.83 2.88 6.46
CA HYP A 13 0.37 3.03 6.62
C HYP A 13 -0.41 1.75 6.99
O HYP A 13 0.08 0.65 6.79
CB HYP A 13 -0.10 3.57 5.25
CG HYP A 13 1.17 4.19 4.64
CD HYP A 13 2.25 3.21 5.11
OD1 HYP A 13 1.36 5.45 5.25
HA HYP A 13 0.20 3.78 7.40
HB2 HYP A 13 -0.91 4.28 5.34
HB3 HYP A 13 -0.45 2.75 4.60
HG HYP A 13 1.03 4.30 3.59
HD22 HYP A 13 2.26 2.29 4.54
HD23 HYP A 13 3.25 3.66 5.08
HD1 HYP A 13 2.16 5.87 4.88
N ILE A 14 -1.66 1.96 7.37
CA ILE A 14 -2.57 0.86 7.60
C ILE A 14 -2.54 -0.08 6.39
N HYP A 15 -2.41 -1.42 6.70
CA HYP A 15 -2.25 -2.47 5.68
C HYP A 15 -3.16 -2.37 4.43
O HYP A 15 -4.36 -2.12 4.55
CB HYP A 15 -2.57 -3.78 6.44
CG HYP A 15 -2.32 -3.42 7.91
CD HYP A 15 -2.85 -1.99 7.97
OD1 HYP A 15 -0.92 -3.44 8.13
HA HYP A 15 -1.21 -2.45 5.35
HB2 HYP A 15 -1.94 -4.61 6.11
HB3 HYP A 15 -3.61 -4.09 6.30
HG HYP A 15 -2.79 -4.14 8.54
HD22 HYP A 15 -3.94 -1.95 7.99
HD23 HYP A 15 -2.45 -1.44 8.83
HD1 HYP A 15 -0.74 -3.21 9.06
N SER A 16 -2.58 -2.70 3.29
CA SER A 16 -3.34 -2.80 2.06
C SER A 16 -2.45 -3.32 0.93
N HYP A 17 -3.08 -3.51 -0.28
CA HYP A 17 -2.42 -4.08 -1.47
C HYP A 17 -1.18 -3.32 -2.00
O HYP A 17 -0.65 -2.45 -1.32
CB HYP A 17 -3.54 -4.13 -2.54
CG HYP A 17 -4.83 -4.10 -1.72
CD HYP A 17 -4.47 -3.15 -0.58
OD1 HYP A 17 -5.04 -5.41 -1.20
HA HYP A 17 -2.09 -5.09 -1.20
HB2 HYP A 17 -3.45 -5.02 -3.17
HB3 HYP A 17 -3.49 -3.25 -3.19
HG HYP A 17 -5.63 -3.82 -2.35
HD22 HYP A 17 -4.47 -2.10 -0.90
HD23 HYP A 17 -5.12 -3.27 0.28
HD1 HYP A 17 -5.86 -5.42 -0.68
N ASN A 18 -0.89 -3.57 -3.28
CA ASN A 18 0.13 -2.80 -3.97
C ASN A 18 -0.55 -1.75 -4.86
N HYP A 19 0.30 -0.82 -5.42
CA HYP A 19 -0.15 0.33 -6.23
C HYP A 19 -0.73 0.00 -7.62
O HYP A 19 -1.01 0.90 -8.41
CB HYP A 19 1.10 1.21 -6.36
CG HYP A 19 1.97 0.81 -5.17
CD HYP A 19 1.72 -0.71 -5.12
OD1 HYP A 19 1.46 1.41 -4.00
HA HYP A 19 -0.95 0.83 -5.65
HB2 HYP A 19 0.84 2.28 -6.32
HB3 HYP A 19 1.62 1.03 -7.29
HG HYP A 19 2.97 1.12 -5.35
HD22 HYP A 19 2.27 -1.25 -5.90
HD23 HYP A 19 1.98 -1.13 -4.15
HD1 HYP A 19 2.00 1.17 -3.23
N ARG A 20 -1.02 -1.29 -7.81
CA ARG A 20 -1.72 -1.72 -9.00
C ARG A 20 -2.42 -3.06 -8.75
N ASP A 21 -2.73 -3.29 -7.48
CA ASP A 21 -3.41 -4.52 -7.09
C ASP A 21 -4.89 -4.43 -7.47
N LYS A 22 -5.30 -5.31 -8.36
CA LYS A 22 -6.68 -5.34 -8.81
C LYS A 22 -7.21 -3.90 -8.93
N TRP A 23 -6.29 -3.00 -9.26
CA TRP A 23 -6.64 -1.60 -9.40
C TRP A 23 -7.65 -1.49 -10.55
N CYS A 24 -7.98 -0.24 -10.87
CA CYS A 24 -8.92 0.01 -11.95
C CYS A 24 -8.15 0.60 -13.13
N ARG A 25 -7.71 -0.30 -14.01
CA ARG A 25 -6.95 0.10 -15.18
C ARG A 25 -7.90 0.54 -16.29
N LEU A 26 -9.11 -0.01 -16.26
CA LEU A 26 -10.11 0.32 -17.25
C LEU A 26 -11.49 0.31 -16.59
N ASN A 27 -12.51 0.42 -17.43
CA ASN A 27 -13.88 0.43 -16.95
C ASN A 27 -14.08 -0.72 -15.96
N LEU A 28 -13.98 -0.39 -14.68
CA LEU A 28 -14.14 -1.38 -13.63
C LEU A 28 -15.54 -1.97 -13.72
N GLY A 29 -15.94 -2.63 -12.64
CA GLY A 29 -17.25 -3.26 -12.58
C GLY A 29 -17.59 -3.68 -11.14
N PRO A 30 -17.42 -4.99 -10.88
CA PRO A 30 -17.85 -5.59 -9.59
C PRO A 30 -17.30 -4.97 -8.27
N ALA A 31 -17.56 -3.72 -7.93
CA ALA A 31 -17.04 -3.15 -6.69
C ALA A 31 -16.98 -1.63 -6.82
N TRP A 32 -16.95 -1.17 -8.06
CA TRP A 32 -16.89 0.25 -8.34
C TRP A 32 -18.02 0.60 -9.32
N GLY A 33 -17.74 1.58 -10.16
CA GLY A 33 -18.72 2.01 -11.15
C GLY A 33 -18.05 2.33 -12.49
N GLY A 34 -18.38 3.51 -13.01
CA GLY A 34 -17.82 3.94 -14.27
C GLY A 34 -16.51 4.69 -14.07
N ARG A 35 -16.25 5.61 -14.98
CA ARG A 35 -15.03 6.42 -14.90
C ARG A 35 -13.81 5.51 -14.70
N CYS A 36 -12.65 6.15 -14.61
CA CYS A 36 -11.41 5.42 -14.41
C CYS A 36 -11.39 4.23 -15.39
N TRP A 1 17.29 2.40 33.02
CA TRP A 1 17.08 3.60 32.23
C TRP A 1 17.55 3.32 30.81
N GLU A 2 17.05 2.23 30.25
CA GLU A 2 17.41 1.84 28.90
C GLU A 2 16.16 1.58 28.07
N TRP A 3 15.99 2.39 27.03
CA TRP A 3 14.85 2.26 26.15
C TRP A 3 15.36 2.18 24.71
N PRO A 4 16.08 1.07 24.43
CA PRO A 4 16.78 0.89 23.13
C PRO A 4 15.92 0.82 21.83
N TRP A 5 14.64 1.19 21.82
CA TRP A 5 13.84 1.13 20.61
C TRP A 5 13.22 -0.27 20.54
N ASN A 6 13.76 -1.17 21.33
CA ASN A 6 13.27 -2.54 21.35
C ASN A 6 11.73 -2.52 21.37
N ARG A 7 11.15 -3.24 20.43
CA ARG A 7 9.71 -3.31 20.34
C ARG A 7 9.08 -1.96 20.69
N LYS A 8 9.03 -1.09 19.70
CA LYS A 8 8.45 0.23 19.91
C LYS A 8 7.59 0.60 18.68
N HYP A 9 6.47 -0.18 18.53
CA HYP A 9 5.55 -0.04 17.37
C HYP A 9 4.87 1.34 17.18
O HYP A 9 4.22 1.83 18.10
CB HYP A 9 4.49 -1.14 17.61
CG HYP A 9 5.19 -2.14 18.54
CD HYP A 9 5.99 -1.20 19.44
OD1 HYP A 9 6.07 -2.92 17.76
HA HYP A 9 6.14 -0.25 16.47
HB2 HYP A 9 4.18 -1.60 16.66
HB3 HYP A 9 3.60 -0.73 18.09
HG HYP A 9 4.45 -2.75 19.00
HD22 HYP A 9 5.36 -0.71 20.19
HD23 HYP A 9 6.81 -1.72 19.94
HD1 HYP A 9 6.51 -3.57 18.33
N THR A 10 4.92 1.82 15.95
CA THR A 10 4.18 3.01 15.59
C THR A 10 3.13 2.69 14.53
N LYS A 11 2.31 3.68 14.22
CA LYS A 11 1.27 3.52 13.22
C LYS A 11 1.90 3.47 11.83
N PHE A 12 2.11 2.26 11.35
CA PHE A 12 2.70 2.06 10.03
C PHE A 12 1.70 2.41 8.93
N HYP A 13 2.22 2.39 7.66
CA HYP A 13 1.46 2.80 6.45
C HYP A 13 0.20 1.96 6.14
O HYP A 13 0.06 0.84 6.62
CB HYP A 13 2.48 2.69 5.31
CG HYP A 13 3.84 2.78 6.00
CD HYP A 13 3.58 2.00 7.29
OD1 HYP A 13 4.08 4.14 6.30
HA HYP A 13 1.15 3.84 6.60
HB2 HYP A 13 2.34 3.47 4.56
HB3 HYP A 13 2.39 1.72 4.79
HG HYP A 13 4.59 2.40 5.35
HD22 HYP A 13 3.57 0.92 7.14
HD23 HYP A 13 4.31 2.24 8.08
HD1 HYP A 13 4.95 4.23 6.74
N ILE A 14 -0.60 2.49 5.22
CA ILE A 14 -1.74 1.75 4.71
C ILE A 14 -1.31 0.29 4.46
N HYP A 15 -2.21 -0.65 4.91
CA HYP A 15 -1.95 -2.11 4.86
C HYP A 15 -1.37 -2.64 3.53
O HYP A 15 -1.26 -1.91 2.55
CB HYP A 15 -3.33 -2.74 5.14
CG HYP A 15 -4.10 -1.64 5.87
CD HYP A 15 -3.63 -0.39 5.13
OD1 HYP A 15 -3.65 -1.61 7.22
HA HYP A 15 -1.23 -2.34 5.66
HB2 HYP A 15 -3.24 -3.66 5.74
HB3 HYP A 15 -3.83 -3.01 4.21
HG HYP A 15 -5.14 -1.87 5.83
HD22 HYP A 15 -4.10 -0.27 4.16
HD23 HYP A 15 -3.79 0.52 5.72
HD1 HYP A 15 -4.14 -0.92 7.70
N SER A 16 -1.16 -3.95 3.51
CA SER A 16 -0.77 -4.63 2.28
C SER A 16 -1.57 -4.07 1.10
N HYP A 17 -0.95 -3.07 0.41
CA HYP A 17 -1.58 -2.33 -0.71
C HYP A 17 -2.02 -3.17 -1.93
O HYP A 17 -1.50 -4.26 -2.14
CB HYP A 17 -0.52 -1.30 -1.12
CG HYP A 17 0.38 -1.16 0.12
CD HYP A 17 0.41 -2.60 0.62
OD1 HYP A 17 -0.29 -0.33 1.05
HA HYP A 17 -2.47 -1.83 -0.30
HB2 HYP A 17 -0.97 -0.34 -1.42
HB3 HYP A 17 0.08 -1.65 -1.97
HG HYP A 17 1.30 -0.72 -0.17
HD22 HYP A 17 1.08 -3.23 0.03
HD23 HYP A 17 0.71 -2.65 1.68
HD1 HYP A 17 0.26 -0.22 1.84
N ASN A 18 -2.85 -2.55 -2.76
CA ASN A 18 -3.22 -3.15 -4.03
C ASN A 18 -4.52 -2.53 -4.52
N HYP A 19 -5.48 -2.35 -3.55
CA HYP A 19 -6.84 -1.86 -3.82
C HYP A 19 -6.95 -0.42 -4.37
O HYP A 19 -8.06 0.08 -4.60
CB HYP A 19 -7.57 -1.97 -2.47
CG HYP A 19 -6.77 -3.01 -1.69
CD HYP A 19 -5.34 -2.68 -2.13
OD1 HYP A 19 -7.12 -4.30 -2.18
HA HYP A 19 -7.29 -2.54 -4.56
HB2 HYP A 19 -8.62 -2.26 -2.59
HB3 HYP A 19 -7.55 -1.01 -1.93
HG HYP A 19 -6.99 -2.93 -0.66
HD22 HYP A 19 -4.94 -1.78 -1.63
HD23 HYP A 19 -4.65 -3.51 -1.97
HD1 HYP A 19 -6.62 -4.98 -1.70
N ARG A 20 -5.80 0.13 -4.71
CA ARG A 20 -5.75 1.41 -5.40
C ARG A 20 -4.67 1.39 -6.49
N ASP A 21 -4.41 0.19 -6.99
CA ASP A 21 -3.41 0.02 -8.03
C ASP A 21 -3.99 -0.85 -9.16
N LYS A 22 -3.96 -0.29 -10.37
CA LYS A 22 -4.47 -1.00 -11.52
C LYS A 22 -5.98 -1.21 -11.36
N TRP A 23 -6.53 -0.53 -10.36
CA TRP A 23 -7.96 -0.63 -10.09
C TRP A 23 -8.71 0.02 -11.25
N CYS A 24 -10.02 -0.13 -11.22
CA CYS A 24 -10.87 0.43 -12.27
C CYS A 24 -12.26 -0.19 -12.15
N ARG A 25 -13.17 0.57 -11.58
CA ARG A 25 -14.53 0.10 -11.40
C ARG A 25 -15.22 -0.03 -12.76
N LEU A 26 -14.65 0.64 -13.75
CA LEU A 26 -15.20 0.60 -15.09
C LEU A 26 -14.75 -0.70 -15.78
N ASN A 27 -14.82 -0.67 -17.11
CA ASN A 27 -14.43 -1.84 -17.89
C ASN A 27 -12.92 -2.03 -17.79
N LEU A 28 -12.52 -3.29 -17.68
CA LEU A 28 -11.11 -3.61 -17.57
C LEU A 28 -10.77 -4.71 -18.59
N GLY A 29 -9.68 -5.40 -18.32
CA GLY A 29 -9.23 -6.48 -19.19
C GLY A 29 -9.50 -7.85 -18.56
N PRO A 30 -8.41 -8.63 -18.45
CA PRO A 30 -8.50 -10.05 -18.00
C PRO A 30 -9.25 -10.34 -16.65
N ALA A 31 -10.53 -10.05 -16.49
CA ALA A 31 -11.21 -10.34 -15.23
C ALA A 31 -12.40 -9.40 -15.08
N TRP A 32 -12.35 -8.30 -15.82
CA TRP A 32 -13.41 -7.31 -15.78
C TRP A 32 -14.01 -7.19 -17.18
N GLY A 33 -14.46 -5.99 -17.51
CA GLY A 33 -15.05 -5.73 -18.81
C GLY A 33 -13.99 -5.78 -19.91
N GLY A 34 -13.90 -4.69 -20.65
CA GLY A 34 -12.93 -4.60 -21.74
C GLY A 34 -12.28 -3.21 -21.76
N ARG A 35 -11.02 -3.17 -21.35
CA ARG A 35 -10.28 -1.93 -21.32
C ARG A 35 -10.97 -0.91 -20.41
N CYS A 36 -10.16 -0.06 -19.80
CA CYS A 36 -10.68 0.96 -18.91
C CYS A 36 -10.31 2.33 -19.47
N TRP A 1 22.53 8.13 21.30
CA TRP A 1 23.18 6.95 20.76
C TRP A 1 22.30 6.37 19.66
N GLU A 2 21.11 5.94 20.05
CA GLU A 2 20.16 5.37 19.11
C GLU A 2 18.81 5.14 19.79
N TRP A 3 18.33 6.17 20.47
CA TRP A 3 17.06 6.09 21.16
C TRP A 3 15.96 5.93 20.12
N PRO A 4 14.82 5.37 20.57
CA PRO A 4 13.71 4.99 19.65
C PRO A 4 12.98 6.15 18.88
N TRP A 5 13.60 7.28 18.58
CA TRP A 5 12.92 8.34 17.85
C TRP A 5 13.74 8.67 16.61
N ASN A 6 14.26 9.89 16.59
CA ASN A 6 15.07 10.35 15.48
C ASN A 6 14.19 10.46 14.24
N ARG A 7 14.81 10.89 13.14
CA ARG A 7 14.10 11.04 11.88
C ARG A 7 14.10 9.72 11.11
N LYS A 8 13.75 8.66 11.81
CA LYS A 8 13.72 7.34 11.20
C LYS A 8 12.26 6.92 11.00
N HYP A 9 12.06 5.92 10.08
CA HYP A 9 10.72 5.44 9.66
C HYP A 9 9.81 4.92 10.79
O HYP A 9 10.19 4.03 11.54
CB HYP A 9 11.03 4.31 8.65
CG HYP A 9 12.44 4.61 8.16
CD HYP A 9 13.10 5.13 9.45
OD1 HYP A 9 12.37 5.67 7.21
HA HYP A 9 10.21 6.28 9.17
HB2 HYP A 9 10.29 4.29 7.83
HB3 HYP A 9 11.00 3.33 9.14
HG HYP A 9 12.85 3.75 7.72
HD22 HYP A 9 13.36 4.32 10.13
HD23 HYP A 9 14.01 5.72 9.24
HD1 HYP A 9 13.25 5.88 6.89
N THR A 10 8.57 5.40 10.76
CA THR A 10 7.54 4.87 11.65
C THR A 10 6.72 3.79 10.94
N LYS A 11 5.81 3.19 11.69
CA LYS A 11 4.95 2.15 11.15
C LYS A 11 3.73 2.79 10.50
N PHE A 12 4.01 3.70 9.57
CA PHE A 12 2.94 4.39 8.87
C PHE A 12 2.05 3.39 8.10
N HYP A 13 2.64 2.84 6.98
CA HYP A 13 1.92 1.94 6.06
C HYP A 13 0.52 1.44 6.53
O HYP A 13 0.41 0.85 7.60
CB HYP A 13 2.88 0.74 5.89
CG HYP A 13 4.25 1.30 6.26
CD HYP A 13 3.89 2.24 7.42
OD1 HYP A 13 4.72 2.06 5.16
HA HYP A 13 1.79 2.47 5.12
HB2 HYP A 13 2.85 0.34 4.87
HB3 HYP A 13 2.61 -0.08 6.57
HG HYP A 13 4.92 0.51 6.47
HD22 HYP A 13 3.70 1.71 8.35
HD23 HYP A 13 4.68 2.99 7.59
HD1 HYP A 13 5.60 2.42 5.37
N ILE A 14 -0.44 1.59 5.63
CA ILE A 14 -1.76 1.03 5.86
C ILE A 14 -1.84 -0.34 5.18
N HYP A 15 -2.42 -1.33 5.94
CA HYP A 15 -2.50 -2.74 5.51
C HYP A 15 -2.98 -2.98 4.06
O HYP A 15 -3.56 -2.09 3.44
CB HYP A 15 -3.50 -3.38 6.50
CG HYP A 15 -3.45 -2.46 7.73
CD HYP A 15 -3.31 -1.08 7.06
OD1 HYP A 15 -2.27 -2.75 8.46
HA HYP A 15 -1.50 -3.19 5.62
HB2 HYP A 15 -3.23 -4.40 6.76
HB3 HYP A 15 -4.52 -3.40 6.09
HG HYP A 15 -4.30 -2.62 8.32
HD22 HYP A 15 -4.27 -0.73 6.65
HD23 HYP A 15 -2.92 -0.33 7.75
HD1 HYP A 15 -2.22 -2.18 9.24
N SER A 16 -2.84 -4.23 3.63
CA SER A 16 -3.41 -4.64 2.35
C SER A 16 -2.56 -4.09 1.21
N HYP A 17 -2.86 -4.59 -0.04
CA HYP A 17 -2.09 -4.26 -1.26
C HYP A 17 -2.07 -2.75 -1.66
O HYP A 17 -2.68 -1.92 -0.98
CB HYP A 17 -2.76 -5.09 -2.36
CG HYP A 17 -3.45 -6.23 -1.60
CD HYP A 17 -3.94 -5.50 -0.35
OD1 HYP A 17 -2.47 -7.18 -1.25
HA HYP A 17 -1.06 -4.57 -1.10
HB2 HYP A 17 -2.03 -5.46 -3.09
HB3 HYP A 17 -3.51 -4.50 -2.92
HG HYP A 17 -4.18 -6.68 -2.23
HD22 HYP A 17 -4.84 -4.90 -0.55
HD23 HYP A 17 -4.16 -6.19 0.47
HD1 HYP A 17 -2.87 -7.91 -0.77
N ASN A 18 -1.51 -2.51 -2.83
CA ASN A 18 -1.56 -1.17 -3.42
C ASN A 18 -0.65 -1.13 -4.65
N HYP A 19 0.64 -1.57 -4.43
CA HYP A 19 1.71 -1.52 -5.44
C HYP A 19 1.45 -2.31 -6.76
O HYP A 19 1.59 -3.53 -6.78
CB HYP A 19 2.95 -2.07 -4.72
CG HYP A 19 2.64 -1.87 -3.23
CD HYP A 19 1.14 -2.17 -3.19
OD1 HYP A 19 2.86 -0.51 -2.93
HA HYP A 19 1.84 -0.46 -5.72
HB2 HYP A 19 3.87 -1.56 -5.04
HB3 HYP A 19 3.09 -3.14 -4.93
HG HYP A 19 3.28 -2.48 -2.65
HD22 HYP A 19 0.93 -3.24 -3.24
HD23 HYP A 19 0.66 -1.74 -2.31
HD1 HYP A 19 2.67 -0.34 -1.99
N ARG A 20 1.22 -1.56 -7.82
CA ARG A 20 1.13 -2.15 -9.14
C ARG A 20 0.65 -3.60 -9.05
N ASP A 21 -0.39 -3.81 -8.24
CA ASP A 21 -0.95 -5.13 -8.05
C ASP A 21 -2.46 -5.09 -8.33
N LYS A 22 -2.87 -5.92 -9.27
CA LYS A 22 -4.28 -5.99 -9.64
C LYS A 22 -4.72 -4.64 -10.22
N TRP A 23 -3.73 -3.80 -10.49
CA TRP A 23 -4.01 -2.49 -11.04
C TRP A 23 -4.51 -2.67 -12.47
N CYS A 24 -4.92 -1.57 -13.07
CA CYS A 24 -5.42 -1.58 -14.43
C CYS A 24 -6.30 -0.35 -14.64
N ARG A 25 -5.66 0.81 -14.62
CA ARG A 25 -6.36 2.07 -14.81
C ARG A 25 -6.35 2.46 -16.28
N LEU A 26 -5.35 1.96 -16.99
CA LEU A 26 -5.22 2.26 -18.41
C LEU A 26 -4.82 0.98 -19.16
N ASN A 27 -4.49 1.16 -20.43
CA ASN A 27 -4.09 0.03 -21.26
C ASN A 27 -3.15 -0.88 -20.46
N LEU A 28 -3.63 -2.09 -20.23
CA LEU A 28 -2.85 -3.07 -19.48
C LEU A 28 -1.86 -3.75 -20.43
N GLY A 29 -1.34 -4.88 -19.97
CA GLY A 29 -0.39 -5.65 -20.76
C GLY A 29 -1.09 -6.32 -21.94
N PRO A 30 -0.30 -7.14 -22.68
CA PRO A 30 -0.78 -7.75 -23.95
C PRO A 30 -2.02 -8.71 -23.87
N ALA A 31 -3.05 -8.44 -23.09
CA ALA A 31 -4.19 -9.33 -23.04
C ALA A 31 -5.28 -8.71 -22.16
N TRP A 32 -5.36 -7.39 -22.22
CA TRP A 32 -6.35 -6.67 -21.43
C TRP A 32 -6.90 -5.53 -22.30
N GLY A 33 -7.37 -4.49 -21.62
CA GLY A 33 -7.93 -3.34 -22.32
C GLY A 33 -9.40 -3.13 -21.96
N GLY A 34 -9.72 -1.90 -21.60
CA GLY A 34 -11.09 -1.57 -21.23
C GLY A 34 -11.36 -1.94 -19.77
N ARG A 35 -12.18 -2.96 -19.60
CA ARG A 35 -12.54 -3.43 -18.27
C ARG A 35 -11.29 -3.87 -17.51
N CYS A 36 -10.74 -2.92 -16.75
CA CYS A 36 -9.55 -3.20 -15.96
C CYS A 36 -8.51 -3.84 -16.89
N TRP A 1 21.09 -7.11 17.60
CA TRP A 1 21.16 -7.28 19.04
C TRP A 1 19.73 -7.36 19.58
N GLU A 2 19.01 -8.36 19.09
CA GLU A 2 17.63 -8.55 19.52
C GLU A 2 17.03 -9.78 18.81
N TRP A 3 15.84 -10.15 19.26
CA TRP A 3 15.15 -11.29 18.69
C TRP A 3 15.31 -11.23 17.17
N PRO A 4 16.28 -12.03 16.67
CA PRO A 4 16.69 -11.98 15.24
C PRO A 4 15.61 -12.35 14.17
N TRP A 5 14.77 -11.45 13.67
CA TRP A 5 13.79 -11.81 12.67
C TRP A 5 13.86 -10.78 11.53
N ASN A 6 12.77 -10.03 11.40
CA ASN A 6 12.70 -9.02 10.37
C ASN A 6 11.36 -8.29 10.46
N ARG A 7 11.18 -7.58 11.57
CA ARG A 7 9.95 -6.85 11.81
C ARG A 7 10.20 -5.68 12.77
N LYS A 8 10.41 -4.52 12.18
CA LYS A 8 10.67 -3.32 12.98
C LYS A 8 9.86 -2.15 12.40
N HYP A 9 8.50 -2.26 12.55
CA HYP A 9 7.54 -1.29 11.97
C HYP A 9 7.66 0.17 12.48
O HYP A 9 7.73 0.41 13.68
CB HYP A 9 6.16 -1.86 12.34
CG HYP A 9 6.43 -3.35 12.58
CD HYP A 9 7.79 -3.32 13.26
OD1 HYP A 9 6.54 -3.98 11.31
HA HYP A 9 7.68 -1.28 10.89
HB2 HYP A 9 5.42 -1.69 11.55
HB3 HYP A 9 5.77 -1.40 13.26
HG HYP A 9 5.61 -3.77 13.13
HD22 HYP A 9 7.73 -3.00 14.31
HD23 HYP A 9 8.31 -4.27 13.20
HD1 HYP A 9 6.70 -4.94 11.45
N THR A 10 7.53 1.10 11.53
CA THR A 10 7.45 2.51 11.87
C THR A 10 6.07 3.06 11.52
N LYS A 11 5.86 4.31 11.92
CA LYS A 11 4.59 4.97 11.66
C LYS A 11 4.44 5.18 10.15
N PHE A 12 3.40 4.56 9.60
CA PHE A 12 3.12 4.68 8.17
C PHE A 12 2.18 3.57 7.72
N HYP A 13 2.76 2.33 7.53
CA HYP A 13 2.03 1.17 7.01
C HYP A 13 0.50 1.32 6.84
O HYP A 13 -0.21 1.55 7.82
CB HYP A 13 2.36 0.03 8.01
CG HYP A 13 3.65 0.50 8.69
CD HYP A 13 3.41 2.01 8.80
OD1 HYP A 13 4.72 0.24 7.81
HA HYP A 13 2.46 0.93 6.01
HB2 HYP A 13 2.46 -0.93 7.51
HB3 HYP A 13 1.55 -0.06 8.74
HG HYP A 13 3.77 -0.04 9.60
HD22 HYP A 13 2.72 2.27 9.61
HD23 HYP A 13 4.35 2.56 8.93
HD1 HYP A 13 5.56 0.53 8.22
N ILE A 14 0.05 1.04 5.62
CA ILE A 14 -1.38 0.96 5.36
C ILE A 14 -1.75 -0.45 4.93
N HYP A 15 -2.87 -0.96 5.54
CA HYP A 15 -3.35 -2.35 5.33
C HYP A 15 -3.36 -2.86 3.88
O HYP A 15 -3.82 -2.16 2.98
CB HYP A 15 -4.78 -2.35 5.92
CG HYP A 15 -4.79 -1.16 6.88
CD HYP A 15 -3.93 -0.15 6.12
OD1 HYP A 15 -4.14 -1.55 8.06
HA HYP A 15 -2.69 -3.01 5.92
HB2 HYP A 15 -5.02 -3.29 6.41
HB3 HYP A 15 -5.53 -2.20 5.12
HG HYP A 15 -5.79 -0.88 7.08
HD22 HYP A 15 -4.47 0.33 5.30
HD23 HYP A 15 -3.53 0.63 6.79
HD1 HYP A 15 -4.13 -0.81 8.70
N SER A 16 -3.00 -4.13 3.73
CA SER A 16 -3.12 -4.79 2.44
C SER A 16 -2.38 -3.99 1.37
N HYP A 17 -2.20 -4.66 0.17
CA HYP A 17 -1.43 -4.11 -0.96
C HYP A 17 -1.97 -2.78 -1.56
O HYP A 17 -2.87 -2.17 -1.01
CB HYP A 17 -1.46 -5.23 -2.02
CG HYP A 17 -1.73 -6.50 -1.21
CD HYP A 17 -2.72 -5.98 -0.16
OD1 HYP A 17 -0.53 -6.89 -0.58
HA HYP A 17 -0.41 -3.92 -0.61
HB2 HYP A 17 -0.51 -5.28 -2.57
HB3 HYP A 17 -2.26 -5.06 -2.75
HG HYP A 17 -2.07 -7.26 -1.86
HD22 HYP A 17 -3.73 -5.84 -0.57
HD23 HYP A 17 -2.77 -6.64 0.71
HD1 HYP A 17 -0.68 -7.70 -0.07
N ASN A 18 -1.49 -2.49 -2.78
CA ASN A 18 -2.03 -1.39 -3.54
C ASN A 18 -1.12 -1.12 -4.74
N HYP A 19 0.22 -0.98 -4.44
CA HYP A 19 1.24 -0.61 -5.44
C HYP A 19 1.41 -1.59 -6.62
O HYP A 19 2.04 -2.65 -6.47
CB HYP A 19 2.55 -0.53 -4.61
CG HYP A 19 2.08 -0.30 -3.18
CD HYP A 19 0.82 -1.17 -3.12
OD1 HYP A 19 1.73 1.07 -3.06
HA HYP A 19 0.98 0.37 -5.84
HB2 HYP A 19 3.21 0.27 -4.98
HB3 HYP A 19 3.11 -1.47 -4.68
HG HYP A 19 2.87 -0.54 -2.51
HD22 HYP A 19 1.05 -2.23 -3.03
HD23 HYP A 19 0.16 -0.87 -2.31
HD1 HYP A 19 1.43 1.24 -2.14
N ARG A 20 0.99 -1.12 -7.78
CA ARG A 20 1.23 -1.85 -9.02
C ARG A 20 1.43 -3.34 -8.72
N ASP A 21 0.51 -3.89 -7.96
CA ASP A 21 0.57 -5.30 -7.60
C ASP A 21 -0.09 -6.13 -8.69
N LYS A 22 0.74 -6.59 -9.62
CA LYS A 22 0.25 -7.39 -10.73
C LYS A 22 -0.88 -6.65 -11.44
N TRP A 23 -0.92 -5.34 -11.23
CA TRP A 23 -1.95 -4.51 -11.83
C TRP A 23 -1.89 -4.73 -13.34
N CYS A 24 -2.63 -3.89 -14.06
CA CYS A 24 -2.69 -3.98 -15.50
C CYS A 24 -2.84 -5.45 -15.89
N ARG A 25 -4.08 -5.90 -15.92
CA ARG A 25 -4.37 -7.28 -16.26
C ARG A 25 -4.14 -7.50 -17.76
N LEU A 26 -4.16 -6.41 -18.51
CA LEU A 26 -3.95 -6.46 -19.94
C LEU A 26 -2.83 -5.51 -20.34
N ASN A 27 -2.65 -5.36 -21.64
CA ASN A 27 -1.63 -4.48 -22.16
C ASN A 27 -1.81 -3.08 -21.56
N LEU A 28 -0.71 -2.35 -21.50
CA LEU A 28 -0.73 -1.00 -20.95
C LEU A 28 -0.17 -0.03 -21.99
N GLY A 29 0.20 1.15 -21.51
CA GLY A 29 0.75 2.18 -22.38
C GLY A 29 2.09 1.73 -22.98
N PRO A 30 2.74 2.67 -23.68
CA PRO A 30 3.97 2.36 -24.46
C PRO A 30 5.22 1.83 -23.67
N ALA A 31 5.09 0.97 -22.66
CA ALA A 31 6.26 0.48 -21.94
C ALA A 31 5.82 -0.62 -20.96
N TRP A 32 4.83 -1.38 -21.39
CA TRP A 32 4.32 -2.46 -20.57
C TRP A 32 3.93 -3.62 -21.50
N GLY A 33 2.99 -4.42 -21.03
CA GLY A 33 2.53 -5.56 -21.80
C GLY A 33 3.22 -6.84 -21.35
N GLY A 34 2.42 -7.85 -21.08
CA GLY A 34 2.93 -9.14 -20.64
C GLY A 34 3.12 -9.16 -19.12
N ARG A 35 4.33 -9.49 -18.72
CA ARG A 35 4.66 -9.55 -17.30
C ARG A 35 4.22 -8.26 -16.60
N CYS A 36 3.00 -8.29 -16.09
CA CYS A 36 2.45 -7.14 -15.40
C CYS A 36 2.59 -7.38 -13.89
N TRP A 1 -0.49 6.67 33.75
CA TRP A 1 0.29 6.51 32.53
C TRP A 1 -0.36 7.38 31.45
N GLU A 2 -0.67 8.61 31.83
CA GLU A 2 -1.28 9.54 30.90
C GLU A 2 -2.39 8.83 30.10
N TRP A 3 -2.78 9.48 29.01
CA TRP A 3 -3.82 8.94 28.14
C TRP A 3 -3.37 7.55 27.69
N PRO A 4 -4.36 6.65 27.52
CA PRO A 4 -4.09 5.22 27.22
C PRO A 4 -3.44 4.88 25.84
N TRP A 5 -2.76 5.77 25.15
CA TRP A 5 -2.15 5.43 23.87
C TRP A 5 -3.13 4.56 23.10
N ASN A 6 -4.41 4.82 23.34
CA ASN A 6 -5.47 4.06 22.67
C ASN A 6 -5.10 3.88 21.20
N ARG A 7 -4.91 2.62 20.82
CA ARG A 7 -4.56 2.30 19.44
C ARG A 7 -3.63 3.37 18.87
N LYS A 8 -2.35 3.23 19.16
CA LYS A 8 -1.35 4.17 18.68
C LYS A 8 -0.14 3.40 18.14
N HYP A 9 -0.36 2.73 16.96
CA HYP A 9 0.64 1.85 16.32
C HYP A 9 1.97 2.52 15.90
O HYP A 9 2.16 3.72 16.14
CB HYP A 9 -0.09 1.28 15.09
CG HYP A 9 -1.57 1.43 15.43
CD HYP A 9 -1.59 2.77 16.18
OD1 HYP A 9 -1.92 0.39 16.32
HA HYP A 9 0.88 1.06 17.04
HB2 HYP A 9 0.20 0.25 14.89
HB3 HYP A 9 0.15 1.87 14.18
HG HYP A 9 -2.14 1.36 14.54
HD22 HYP A 9 -1.51 3.62 15.49
HD23 HYP A 9 -2.48 2.89 16.79
HD1 HYP A 9 -2.86 0.46 16.55
N THR A 10 2.76 1.77 15.15
CA THR A 10 3.95 2.32 14.54
C THR A 10 3.59 3.46 13.58
N LYS A 11 4.41 4.51 13.60
CA LYS A 11 4.18 5.65 12.75
C LYS A 11 4.48 5.26 11.30
N PHE A 12 3.74 4.27 10.81
CA PHE A 12 3.91 3.79 9.45
C PHE A 12 2.58 3.36 8.85
N HYP A 13 2.61 3.07 7.51
CA HYP A 13 1.42 2.73 6.71
C HYP A 13 0.60 1.51 7.20
O HYP A 13 1.18 0.47 7.53
CB HYP A 13 1.96 2.48 5.30
CG HYP A 13 3.29 3.23 5.27
CD HYP A 13 3.82 2.98 6.68
OD1 HYP A 13 3.02 4.61 5.09
HA HYP A 13 0.75 3.61 6.73
HB2 HYP A 13 1.27 2.83 4.52
HB3 HYP A 13 2.13 1.41 5.12
HG HYP A 13 3.89 2.87 4.46
HD22 HYP A 13 4.22 1.97 6.82
HD23 HYP A 13 4.58 3.70 6.98
HD1 HYP A 13 3.85 5.11 5.08
N ILE A 14 -0.71 1.63 7.07
CA ILE A 14 -1.60 0.51 7.33
C ILE A 14 -1.75 -0.32 6.05
N HYP A 15 -1.65 -1.68 6.21
CA HYP A 15 -1.67 -2.64 5.08
C HYP A 15 -2.76 -2.41 4.01
O HYP A 15 -3.82 -1.86 4.31
CB HYP A 15 -1.89 -4.01 5.77
CG HYP A 15 -1.41 -3.79 7.21
CD HYP A 15 -1.89 -2.36 7.48
OD1 HYP A 15 0.01 -3.82 7.21
HA HYP A 15 -0.69 -2.60 4.60
HB2 HYP A 15 -1.33 -4.81 5.27
HB3 HYP A 15 -2.95 -4.29 5.77
HG HYP A 15 -1.79 -4.56 7.83
HD22 HYP A 15 -2.98 -2.32 7.68
HD23 HYP A 15 -1.36 -1.89 8.31
HD1 HYP A 15 0.33 -3.69 8.11
N SER A 16 -2.51 -2.98 2.84
CA SER A 16 -3.51 -2.99 1.78
C SER A 16 -2.85 -3.34 0.45
N HYP A 17 -3.72 -3.66 -0.57
CA HYP A 17 -3.30 -4.12 -1.89
C HYP A 17 -2.42 -3.14 -2.71
O HYP A 17 -2.33 -1.97 -2.37
CB HYP A 17 -4.62 -4.41 -2.64
CG HYP A 17 -5.64 -4.62 -1.53
CD HYP A 17 -5.19 -3.59 -0.49
OD1 HYP A 17 -5.45 -5.93 -1.01
HA HYP A 17 -2.72 -5.05 -1.75
HB2 HYP A 17 -4.53 -5.28 -3.30
HB3 HYP A 17 -4.92 -3.56 -3.26
HG HYP A 17 -6.62 -4.53 -1.91
HD22 HYP A 17 -5.48 -2.58 -0.76
HD23 HYP A 17 -5.55 -3.82 0.51
HD1 HYP A 17 -6.09 -6.10 -0.29
N ASN A 18 -1.96 -3.62 -3.86
CA ASN A 18 -1.28 -2.77 -4.81
C ASN A 18 -0.59 -3.64 -5.86
N HYP A 19 0.15 -4.69 -5.37
CA HYP A 19 0.96 -5.59 -6.22
C HYP A 19 0.18 -6.48 -7.21
O HYP A 19 0.78 -7.26 -7.95
CB HYP A 19 1.73 -6.46 -5.21
CG HYP A 19 1.73 -5.63 -3.92
CD HYP A 19 0.34 -5.01 -3.96
OD1 HYP A 19 2.72 -4.62 -4.05
HA HYP A 19 1.64 -4.96 -6.80
HB2 HYP A 19 2.74 -6.69 -5.56
HB3 HYP A 19 1.22 -7.42 -5.04
HG HYP A 19 1.96 -6.27 -3.10
HD22 HYP A 19 -0.45 -5.72 -3.68
HD23 HYP A 19 0.26 -4.12 -3.33
HD1 HYP A 19 2.74 -4.08 -3.24
N ARG A 20 -1.11 -6.22 -7.29
CA ARG A 20 -1.95 -6.86 -8.30
C ARG A 20 -2.41 -5.82 -9.33
N ASP A 21 -1.64 -4.75 -9.43
CA ASP A 21 -1.96 -3.69 -10.37
C ASP A 21 -0.87 -3.61 -11.43
N LYS A 22 -1.29 -3.72 -12.69
CA LYS A 22 -0.35 -3.68 -13.79
C LYS A 22 0.63 -4.84 -13.68
N TRP A 23 0.29 -5.78 -12.81
CA TRP A 23 1.14 -6.95 -12.61
C TRP A 23 1.15 -7.75 -13.90
N CYS A 24 1.79 -8.91 -13.83
CA CYS A 24 1.88 -9.79 -14.99
C CYS A 24 0.83 -10.89 -14.84
N ARG A 25 -0.39 -10.56 -15.23
CA ARG A 25 -1.48 -11.52 -15.15
C ARG A 25 -1.54 -12.37 -16.42
N LEU A 26 -1.09 -11.79 -17.52
CA LEU A 26 -1.08 -12.48 -18.79
C LEU A 26 0.16 -12.05 -19.59
N ASN A 27 0.18 -12.47 -20.85
CA ASN A 27 1.29 -12.13 -21.73
C ASN A 27 1.43 -10.62 -21.80
N LEU A 28 2.19 -10.08 -20.86
CA LEU A 28 2.41 -8.64 -20.82
C LEU A 28 3.23 -8.22 -22.03
N GLY A 29 3.78 -7.01 -21.95
CA GLY A 29 4.58 -6.47 -23.03
C GLY A 29 5.51 -5.37 -22.53
N PRO A 30 5.07 -4.11 -22.78
CA PRO A 30 5.92 -2.92 -22.51
C PRO A 30 6.45 -2.73 -21.04
N ALA A 31 7.26 -3.61 -20.47
CA ALA A 31 7.74 -3.41 -19.12
C ALA A 31 8.11 -4.77 -18.50
N TRP A 32 7.52 -5.81 -19.08
CA TRP A 32 7.77 -7.17 -18.59
C TRP A 32 8.13 -8.03 -19.81
N GLY A 33 7.77 -9.30 -19.72
CA GLY A 33 8.04 -10.24 -20.79
C GLY A 33 8.78 -11.47 -20.26
N GLY A 34 8.28 -12.64 -20.64
CA GLY A 34 8.87 -13.89 -20.21
C GLY A 34 8.49 -14.21 -18.77
N ARG A 35 7.90 -15.40 -18.59
CA ARG A 35 7.49 -15.84 -17.27
C ARG A 35 6.82 -14.69 -16.51
N CYS A 36 5.60 -14.39 -16.92
CA CYS A 36 4.84 -13.32 -16.28
C CYS A 36 4.41 -13.79 -14.89
N TRP A 1 0.15 24.13 26.43
CA TRP A 1 -0.87 24.61 27.35
C TRP A 1 -2.14 23.80 27.11
N GLU A 2 -2.10 22.54 27.54
CA GLU A 2 -3.23 21.65 27.39
C GLU A 2 -3.89 21.87 26.01
N TRP A 3 -3.41 21.13 25.04
CA TRP A 3 -3.95 21.23 23.69
C TRP A 3 -4.17 19.81 23.16
N PRO A 4 -4.98 19.05 23.91
CA PRO A 4 -5.19 17.60 23.62
C PRO A 4 -5.85 17.22 22.25
N TRP A 5 -5.74 17.99 21.18
CA TRP A 5 -6.36 17.61 19.92
C TRP A 5 -5.25 17.15 18.97
N ASN A 6 -5.05 17.94 17.92
CA ASN A 6 -4.04 17.62 16.93
C ASN A 6 -4.30 16.24 16.34
N ARG A 7 -5.22 16.20 15.38
CA ARG A 7 -5.57 14.95 14.73
C ARG A 7 -4.58 14.63 13.62
N LYS A 8 -3.32 14.55 14.02
CA LYS A 8 -2.25 14.24 13.08
C LYS A 8 -1.38 13.11 13.64
N HYP A 9 -1.93 11.85 13.56
CA HYP A 9 -1.29 10.65 14.14
C HYP A 9 0.10 10.28 13.57
O HYP A 9 0.60 10.94 12.66
CB HYP A 9 -2.30 9.52 13.84
CG HYP A 9 -3.63 10.24 13.65
CD HYP A 9 -3.19 11.52 12.91
OD1 HYP A 9 -4.13 10.60 14.93
HA HYP A 9 -1.19 10.82 15.21
HB2 HYP A 9 -2.34 8.79 14.67
HB3 HYP A 9 -2.04 8.97 12.93
HG HYP A 9 -4.32 9.61 13.15
HD22 HYP A 9 -2.97 11.32 11.86
HD23 HYP A 9 -3.93 12.32 12.99
HD1 HYP A 9 -4.98 11.06 14.83
N THR A 10 0.60 9.15 14.03
CA THR A 10 1.82 8.58 13.48
C THR A 10 1.60 8.15 12.02
N LYS A 11 2.68 7.76 11.39
CA LYS A 11 2.62 7.33 9.99
C LYS A 11 2.50 5.81 9.94
N PHE A 12 1.43 5.30 10.55
CA PHE A 12 1.20 3.87 10.58
C PHE A 12 1.47 3.24 9.21
N HYP A 13 1.52 1.86 9.21
CA HYP A 13 1.87 1.06 8.02
C HYP A 13 0.93 1.22 6.79
O HYP A 13 -0.28 1.05 6.90
CB HYP A 13 1.84 -0.39 8.52
CG HYP A 13 2.04 -0.27 10.04
CD HYP A 13 1.23 0.99 10.34
OD1 HYP A 13 3.41 -0.04 10.28
HA HYP A 13 2.88 1.35 7.72
HB2 HYP A 13 2.62 -1.00 8.04
HB3 HYP A 13 0.88 -0.87 8.30
HG HYP A 13 1.73 -1.17 10.51
HD22 HYP A 13 0.15 0.81 10.35
HD23 HYP A 13 1.52 1.45 11.30
HD1 HYP A 13 3.56 0.05 11.24
N ILE A 14 1.56 1.39 5.64
CA ILE A 14 0.84 1.39 4.38
C ILE A 14 0.20 0.01 4.17
N HYP A 15 -1.12 0.04 3.78
CA HYP A 15 -1.94 -1.18 3.62
C HYP A 15 -1.28 -2.35 2.85
O HYP A 15 -0.38 -2.14 2.04
CB HYP A 15 -3.19 -0.69 2.86
CG HYP A 15 -3.24 0.82 3.15
CD HYP A 15 -1.75 1.18 3.13
OD1 HYP A 15 -3.75 0.99 4.46
HA HYP A 15 -2.21 -1.53 4.62
HB2 HYP A 15 -4.10 -1.20 3.19
HB3 HYP A 15 -3.10 -0.85 1.77
HG HYP A 15 -3.87 1.29 2.44
HD22 HYP A 15 -1.35 1.24 2.11
HD23 HYP A 15 -1.55 2.12 3.64
HD1 HYP A 15 -3.80 1.94 4.66
N SER A 16 -1.86 -3.53 3.05
CA SER A 16 -1.46 -4.69 2.27
C SER A 16 -1.88 -4.52 0.81
N HYP A 17 -3.20 -4.21 0.60
CA HYP A 17 -3.83 -4.09 -0.73
C HYP A 17 -3.25 -3.00 -1.65
O HYP A 17 -3.37 -1.80 -1.36
CB HYP A 17 -5.31 -3.80 -0.42
CG HYP A 17 -5.51 -4.33 1.00
CD HYP A 17 -4.18 -3.95 1.66
OD1 HYP A 17 -5.62 -5.75 0.92
HA HYP A 17 -3.70 -5.05 -1.23
HB2 HYP A 17 -5.97 -4.29 -1.15
HB3 HYP A 17 -5.52 -2.73 -0.46
HG HYP A 17 -6.39 -3.92 1.41
HD22 HYP A 17 -4.13 -2.88 1.91
HD23 HYP A 17 -3.99 -4.54 2.56
HD1 HYP A 17 -5.76 -6.10 1.82
N ASN A 18 -2.77 -3.44 -2.81
CA ASN A 18 -2.36 -2.52 -3.85
C ASN A 18 -3.50 -2.33 -4.84
N HYP A 19 -3.36 -1.26 -5.71
CA HYP A 19 -4.39 -0.84 -6.67
C HYP A 19 -4.88 -1.93 -7.65
O HYP A 19 -4.22 -2.20 -8.66
CB HYP A 19 -3.74 0.32 -7.45
CG HYP A 19 -2.64 0.83 -6.51
CD HYP A 19 -2.14 -0.48 -5.89
OD1 HYP A 19 -3.26 1.62 -5.50
HA HYP A 19 -5.25 -0.49 -6.09
HB2 HYP A 19 -4.46 1.10 -7.70
HB3 HYP A 19 -3.28 -0.02 -8.38
HG HYP A 19 -1.95 1.40 -7.05
HD22 HYP A 19 -1.49 -1.04 -6.58
HD23 HYP A 19 -1.61 -0.31 -4.95
HD1 HYP A 19 -2.58 1.95 -4.89
N ARG A 20 -6.10 -2.39 -7.40
CA ARG A 20 -6.76 -3.29 -8.34
C ARG A 20 -5.76 -4.27 -8.94
N ASP A 21 -4.89 -4.79 -8.09
CA ASP A 21 -3.87 -5.73 -8.52
C ASP A 21 -4.38 -7.15 -8.30
N LYS A 22 -4.76 -7.79 -9.38
CA LYS A 22 -5.26 -9.16 -9.32
C LYS A 22 -6.49 -9.20 -8.42
N TRP A 23 -7.22 -8.09 -8.39
CA TRP A 23 -8.41 -7.98 -7.57
C TRP A 23 -9.52 -8.79 -8.25
N CYS A 24 -10.70 -8.73 -7.65
CA CYS A 24 -11.84 -9.44 -8.18
C CYS A 24 -12.95 -9.44 -7.12
N ARG A 25 -14.14 -9.06 -7.56
CA ARG A 25 -15.28 -9.01 -6.66
C ARG A 25 -15.37 -10.30 -5.84
N LEU A 26 -14.71 -11.33 -6.35
CA LEU A 26 -14.71 -12.61 -5.67
C LEU A 26 -13.39 -12.79 -4.92
N ASN A 27 -13.16 -14.02 -4.48
CA ASN A 27 -11.94 -14.33 -3.75
C ASN A 27 -10.89 -14.86 -4.73
N LEU A 28 -9.77 -14.15 -4.79
CA LEU A 28 -8.69 -14.53 -5.68
C LEU A 28 -7.76 -15.51 -4.95
N GLY A 29 -6.59 -15.70 -5.51
CA GLY A 29 -5.61 -16.61 -4.94
C GLY A 29 -5.73 -18.01 -5.55
N PRO A 30 -5.89 -19.01 -4.66
CA PRO A 30 -5.85 -20.44 -5.07
C PRO A 30 -6.78 -20.87 -6.26
N ALA A 31 -6.63 -20.36 -7.47
CA ALA A 31 -7.48 -20.78 -8.58
C ALA A 31 -7.60 -19.64 -9.59
N TRP A 32 -7.09 -18.48 -9.18
CA TRP A 32 -7.14 -17.31 -10.04
C TRP A 32 -5.71 -17.00 -10.50
N GLY A 33 -5.49 -15.74 -10.83
CA GLY A 33 -4.18 -15.31 -11.30
C GLY A 33 -4.30 -14.20 -12.34
N GLY A 34 -3.74 -14.47 -13.51
CA GLY A 34 -3.77 -13.51 -14.60
C GLY A 34 -3.97 -12.09 -14.07
N ARG A 35 -5.21 -11.62 -14.17
CA ARG A 35 -5.56 -10.29 -13.71
C ARG A 35 -6.99 -9.94 -14.11
N CYS A 36 -7.79 -9.65 -13.08
CA CYS A 36 -9.18 -9.31 -13.31
C CYS A 36 -9.26 -8.38 -14.53
N TRP A 1 15.62 19.17 14.05
CA TRP A 1 16.61 18.27 14.60
C TRP A 1 17.95 18.53 13.90
N GLU A 2 18.44 19.74 14.09
CA GLU A 2 19.70 20.14 13.48
C GLU A 2 19.80 19.59 12.06
N TRP A 3 18.74 19.83 11.29
CA TRP A 3 18.69 19.36 9.92
C TRP A 3 18.69 17.84 9.93
N PRO A 4 18.01 17.26 8.92
CA PRO A 4 17.76 15.80 8.87
C PRO A 4 19.01 14.85 8.73
N TRP A 5 19.69 14.43 9.79
CA TRP A 5 20.84 13.55 9.64
C TRP A 5 20.40 12.13 10.03
N ASN A 6 20.97 11.66 11.13
CA ASN A 6 20.65 10.33 11.61
C ASN A 6 19.47 10.41 12.57
N ARG A 7 18.44 11.13 12.13
CA ARG A 7 17.24 11.29 12.94
C ARG A 7 16.02 11.47 12.04
N LYS A 8 15.68 10.41 11.34
CA LYS A 8 14.54 10.44 10.45
C LYS A 8 13.25 10.26 11.26
N HYP A 9 12.10 10.66 10.62
CA HYP A 9 10.78 10.67 11.26
C HYP A 9 10.27 9.30 11.78
O HYP A 9 10.97 8.30 11.69
CB HYP A 9 9.83 11.21 10.18
CG HYP A 9 10.75 11.98 9.23
CD HYP A 9 12.00 11.10 9.23
OD1 HYP A 9 11.05 13.23 9.83
HA HYP A 9 10.82 11.35 12.12
HB2 HYP A 9 9.04 11.85 10.60
HB3 HYP A 9 9.33 10.40 9.64
HG HYP A 9 10.26 12.14 8.30
HD22 HYP A 9 11.88 10.20 8.62
HD23 HYP A 9 12.89 11.64 8.91
HD1 HYP A 9 11.63 13.74 9.24
N THR A 10 8.99 9.29 12.17
CA THR A 10 8.32 8.06 12.52
C THR A 10 7.73 7.39 11.27
N LYS A 11 7.13 6.24 11.48
CA LYS A 11 6.53 5.49 10.38
C LYS A 11 5.20 4.89 10.84
N PHE A 12 4.23 4.94 9.95
CA PHE A 12 2.90 4.40 10.25
C PHE A 12 2.49 3.35 9.23
N HYP A 13 1.32 2.68 9.51
CA HYP A 13 0.80 1.57 8.69
C HYP A 13 0.46 1.90 7.22
O HYP A 13 -0.13 2.95 6.94
CB HYP A 13 -0.48 1.12 9.45
CG HYP A 13 -0.26 1.62 10.88
CD HYP A 13 0.44 2.97 10.64
OD1 HYP A 13 0.64 0.74 11.52
HA HYP A 13 1.56 0.78 8.70
HB2 HYP A 13 -0.61 0.04 9.40
HB3 HYP A 13 -1.37 1.58 9.02
HG HYP A 13 -1.19 1.64 11.39
HD22 HYP A 13 -0.27 3.74 10.31
HD23 HYP A 13 0.98 3.31 11.51
HD1 HYP A 13 0.79 1.03 12.43
N ILE A 14 0.71 0.92 6.37
CA ILE A 14 0.28 1.02 4.98
C ILE A 14 -0.45 -0.27 4.58
N HYP A 15 -1.62 -0.08 3.88
CA HYP A 15 -2.53 -1.17 3.50
C HYP A 15 -1.86 -2.43 2.89
O HYP A 15 -0.79 -2.34 2.29
CB HYP A 15 -3.48 -0.53 2.47
CG HYP A 15 -3.40 0.97 2.76
CD HYP A 15 -1.92 1.13 3.13
OD1 HYP A 15 -4.20 1.23 3.91
HA HYP A 15 -3.08 -1.47 4.39
HB2 HYP A 15 -4.50 -0.92 2.55
HB3 HYP A 15 -3.14 -0.72 1.44
HG HYP A 15 -3.76 1.52 1.93
HD22 HYP A 15 -1.27 1.13 2.24
HD23 HYP A 15 -1.73 2.04 3.70
HD1 HYP A 15 -4.16 2.18 4.12
N SER A 16 -2.60 -3.54 2.96
CA SER A 16 -2.17 -4.75 2.29
C SER A 16 -2.28 -4.58 0.77
N HYP A 17 -3.51 -4.17 0.32
CA HYP A 17 -3.85 -4.04 -1.11
C HYP A 17 -3.00 -3.05 -1.93
O HYP A 17 -2.68 -1.96 -1.46
CB HYP A 17 -5.33 -3.59 -1.11
CG HYP A 17 -5.85 -4.04 0.26
CD HYP A 17 -4.65 -3.78 1.16
OD1 HYP A 17 -6.11 -5.43 0.19
HA HYP A 17 -3.75 -5.03 -1.57
HB2 HYP A 17 -5.90 -4.02 -1.93
HB3 HYP A 17 -5.42 -2.49 -1.20
HG HYP A 17 -6.75 -3.51 0.49
HD22 HYP A 17 -4.52 -2.71 1.39
HD23 HYP A 17 -4.69 -4.34 2.09
HD1 HYP A 17 -6.45 -5.74 1.05
N ASN A 18 -2.79 -3.40 -3.19
CA ASN A 18 -2.15 -2.49 -4.12
C ASN A 18 -1.80 -3.26 -5.40
N HYP A 19 -1.08 -4.42 -5.21
CA HYP A 19 -0.56 -5.25 -6.31
C HYP A 19 -1.61 -5.81 -7.30
O HYP A 19 -2.29 -6.79 -6.99
CB HYP A 19 0.17 -6.40 -5.60
CG HYP A 19 0.48 -5.85 -4.21
CD HYP A 19 -0.77 -5.02 -3.92
OD1 HYP A 19 1.60 -4.99 -4.33
HA HYP A 19 0.14 -4.63 -6.89
HB2 HYP A 19 1.07 -6.71 -6.15
HB3 HYP A 19 -0.47 -7.29 -5.51
HG HYP A 19 0.71 -6.65 -3.56
HD22 HYP A 19 -1.62 -5.66 -3.64
HD23 HYP A 19 -0.60 -4.27 -3.14
HD1 HYP A 19 1.83 -4.62 -3.46
N ARG A 20 -1.59 -5.26 -8.51
CA ARG A 20 -2.40 -5.80 -9.59
C ARG A 20 -3.76 -6.26 -9.06
N ASP A 21 -4.23 -5.54 -8.06
CA ASP A 21 -5.52 -5.85 -7.45
C ASP A 21 -6.61 -5.79 -8.52
N LYS A 22 -7.82 -5.51 -8.07
CA LYS A 22 -8.96 -5.41 -8.98
C LYS A 22 -8.77 -4.20 -9.89
N TRP A 23 -7.65 -4.19 -10.58
CA TRP A 23 -7.34 -3.10 -11.50
C TRP A 23 -7.97 -3.42 -12.86
N CYS A 24 -7.81 -2.49 -13.78
CA CYS A 24 -8.35 -2.66 -15.12
C CYS A 24 -9.82 -2.23 -15.10
N ARG A 25 -10.54 -2.64 -16.13
CA ARG A 25 -11.95 -2.29 -16.24
C ARG A 25 -12.67 -2.55 -14.90
N LEU A 26 -11.96 -3.23 -14.01
CA LEU A 26 -12.50 -3.54 -12.71
C LEU A 26 -12.94 -2.24 -12.01
N ASN A 27 -13.17 -2.35 -10.72
CA ASN A 27 -13.59 -1.20 -9.93
C ASN A 27 -12.43 -0.20 -9.85
N LEU A 28 -12.03 0.29 -11.01
CA LEU A 28 -10.95 1.25 -11.08
C LEU A 28 -11.52 2.64 -11.33
N GLY A 29 -10.69 3.48 -11.93
CA GLY A 29 -11.11 4.84 -12.24
C GLY A 29 -9.96 5.64 -12.88
N PRO A 30 -9.38 6.56 -12.08
CA PRO A 30 -8.37 7.52 -12.59
C PRO A 30 -7.15 6.93 -13.38
N ALA A 31 -7.31 6.32 -14.55
CA ALA A 31 -6.16 5.80 -15.27
C ALA A 31 -6.64 4.67 -16.20
N TRP A 32 -7.78 4.10 -15.85
CA TRP A 32 -8.34 3.02 -16.63
C TRP A 32 -9.77 3.41 -17.04
N GLY A 33 -10.63 2.39 -17.12
CA GLY A 33 -12.01 2.62 -17.49
C GLY A 33 -12.24 2.33 -18.97
N GLY A 34 -13.23 1.50 -19.24
CA GLY A 34 -13.56 1.13 -20.61
C GLY A 34 -13.57 -0.38 -20.78
N ARG A 35 -12.37 -0.93 -20.95
CA ARG A 35 -12.22 -2.36 -21.13
C ARG A 35 -11.09 -2.90 -20.26
N CYS A 36 -11.09 -4.21 -20.07
CA CYS A 36 -10.07 -4.85 -19.26
C CYS A 36 -9.07 -5.53 -20.20
N TRP A 1 10.73 9.60 35.67
CA TRP A 1 9.66 10.56 35.86
C TRP A 1 8.39 10.01 35.20
N GLU A 2 7.25 10.40 35.75
CA GLU A 2 5.98 9.95 35.20
C GLU A 2 5.38 11.02 34.28
N TRP A 3 4.89 10.55 33.14
CA TRP A 3 4.29 11.44 32.16
C TRP A 3 3.21 10.67 31.42
N PRO A 4 2.26 10.11 32.20
CA PRO A 4 1.22 9.19 31.66
C PRO A 4 0.24 9.78 30.59
N TRP A 5 0.63 10.04 29.35
CA TRP A 5 -0.30 10.56 28.36
C TRP A 5 0.43 10.65 27.03
N ASN A 6 1.24 9.64 26.76
CA ASN A 6 2.00 9.60 25.52
C ASN A 6 2.78 8.29 25.45
N ARG A 7 2.06 7.20 25.64
CA ARG A 7 2.68 5.88 25.61
C ARG A 7 1.76 4.87 24.91
N LYS A 8 1.43 5.18 23.67
CA LYS A 8 0.55 4.32 22.88
C LYS A 8 1.19 4.07 21.51
N HYP A 9 2.11 3.03 21.48
CA HYP A 9 2.91 2.68 20.29
C HYP A 9 2.11 2.26 19.03
O HYP A 9 1.27 1.38 19.11
CB HYP A 9 3.81 1.54 20.77
CG HYP A 9 3.86 1.70 22.29
CD HYP A 9 2.43 2.15 22.60
OD1 HYP A 9 4.77 2.76 22.59
HA HYP A 9 3.51 3.57 20.03
HB2 HYP A 9 4.81 1.59 20.32
HB3 HYP A 9 3.38 0.56 20.51
HG HYP A 9 4.20 0.80 22.73
HD22 HYP A 9 1.72 1.32 22.56
HD23 HYP A 9 2.34 2.65 23.56
HD1 HYP A 9 4.81 2.88 23.56
N THR A 10 2.53 2.80 17.91
CA THR A 10 1.98 2.38 16.62
C THR A 10 3.07 1.68 15.79
N LYS A 11 2.67 1.23 14.62
CA LYS A 11 3.60 0.56 13.72
C LYS A 11 3.36 1.04 12.28
N PHE A 12 3.79 2.27 12.02
CA PHE A 12 3.63 2.85 10.71
C PHE A 12 2.21 2.62 10.18
N HYP A 13 1.98 3.11 8.91
CA HYP A 13 0.66 3.08 8.26
C HYP A 13 0.10 1.67 7.90
O HYP A 13 0.86 0.71 7.84
CB HYP A 13 0.85 3.91 6.98
CG HYP A 13 2.06 4.80 7.28
CD HYP A 13 2.94 3.84 8.10
OD1 HYP A 13 1.62 5.87 8.11
HA HYP A 13 -0.06 3.56 8.94
HB2 HYP A 13 -0.04 4.49 6.73
HB3 HYP A 13 1.07 3.27 6.11
HG HYP A 13 2.46 5.18 6.38
HD22 HYP A 13 3.45 3.11 7.46
HD23 HYP A 13 3.68 4.37 8.70
HD1 HYP A 13 2.38 6.44 8.32
N ILE A 14 -1.17 1.66 7.52
CA ILE A 14 -1.77 0.45 6.99
C ILE A 14 -1.44 0.32 5.52
N HYP A 15 -1.02 -0.94 5.11
CA HYP A 15 -0.56 -1.24 3.75
C HYP A 15 -1.43 -0.70 2.59
O HYP A 15 -2.50 -0.13 2.83
CB HYP A 15 -0.53 -2.79 3.70
CG HYP A 15 -0.42 -3.20 5.17
CD HYP A 15 -1.32 -2.16 5.85
OD1 HYP A 15 0.93 -3.02 5.58
HA HYP A 15 0.45 -0.83 3.64
HB2 HYP A 15 0.31 -3.15 3.10
HB3 HYP A 15 -1.45 -3.19 3.26
HG HYP A 15 -0.71 -4.22 5.27
HD22 HYP A 15 -2.39 -2.38 5.71
HD23 HYP A 15 -1.11 -2.06 6.92
HD1 HYP A 15 1.01 -3.28 6.51
N SER A 16 -1.01 -1.01 1.38
CA SER A 16 -1.81 -0.71 0.20
C SER A 16 -1.69 -1.85 -0.81
N HYP A 17 -2.52 -2.92 -0.57
CA HYP A 17 -2.50 -4.16 -1.38
C HYP A 17 -2.84 -4.01 -2.88
O HYP A 17 -3.20 -2.92 -3.32
CB HYP A 17 -3.53 -5.07 -0.68
CG HYP A 17 -3.63 -4.52 0.74
CD HYP A 17 -3.52 -3.01 0.49
OD1 HYP A 17 -2.50 -4.97 1.47
HA HYP A 17 -1.49 -4.58 -1.30
HB2 HYP A 17 -3.22 -6.13 -0.70
HB3 HYP A 17 -4.51 -5.01 -1.18
HG HYP A 17 -4.52 -4.87 1.19
HD22 HYP A 17 -4.46 -2.58 0.09
HD23 HYP A 17 -3.22 -2.47 1.38
HD1 HYP A 17 -2.55 -4.63 2.37
N ASN A 18 -2.86 -5.14 -3.56
CA ASN A 18 -3.33 -5.18 -4.93
C ASN A 18 -3.84 -6.59 -5.26
N HYP A 19 -4.47 -6.71 -6.47
CA HYP A 19 -5.11 -7.96 -6.93
C HYP A 19 -4.16 -9.12 -7.31
O HYP A 19 -4.60 -10.13 -7.86
CB HYP A 19 -5.94 -7.53 -8.16
CG HYP A 19 -6.14 -6.02 -7.97
CD HYP A 19 -4.80 -5.60 -7.36
OD1 HYP A 19 -7.17 -5.84 -7.00
HA HYP A 19 -5.77 -8.31 -6.13
HB2 HYP A 19 -6.88 -8.07 -8.22
HB3 HYP A 19 -5.39 -7.71 -9.10
HG HYP A 19 -6.43 -5.58 -8.89
HD22 HYP A 19 -4.01 -5.54 -8.12
HD23 HYP A 19 -4.86 -4.66 -6.83
HD1 HYP A 19 -7.32 -4.90 -6.86
N ARG A 20 -2.93 -8.99 -6.85
CA ARG A 20 -1.96 -10.09 -6.97
C ARG A 20 -1.73 -10.74 -5.62
N ASP A 21 -2.75 -10.66 -4.76
CA ASP A 21 -2.67 -11.23 -3.43
C ASP A 21 -3.03 -12.72 -3.51
N LYS A 22 -1.99 -13.54 -3.60
CA LYS A 22 -2.20 -14.98 -3.68
C LYS A 22 -3.29 -15.29 -4.70
N TRP A 23 -3.45 -14.36 -5.64
CA TRP A 23 -4.45 -14.53 -6.68
C TRP A 23 -4.20 -15.86 -7.38
N CYS A 24 -4.91 -16.06 -8.48
CA CYS A 24 -4.77 -17.29 -9.25
C CYS A 24 -4.76 -18.46 -8.27
N ARG A 25 -5.94 -18.78 -7.75
CA ARG A 25 -6.08 -19.87 -6.80
C ARG A 25 -6.73 -21.07 -7.48
N LEU A 26 -7.41 -20.79 -8.59
CA LEU A 26 -8.09 -21.84 -9.33
C LEU A 26 -7.29 -22.16 -10.59
N ASN A 27 -7.92 -22.90 -11.49
CA ASN A 27 -7.28 -23.29 -12.72
C ASN A 27 -7.30 -22.10 -13.69
N LEU A 28 -6.46 -21.12 -13.38
CA LEU A 28 -6.36 -19.93 -14.21
C LEU A 28 -6.07 -20.34 -15.65
N GLY A 29 -5.78 -19.34 -16.48
CA GLY A 29 -5.49 -19.58 -17.87
C GLY A 29 -4.35 -18.68 -18.35
N PRO A 30 -4.44 -18.27 -19.63
CA PRO A 30 -3.34 -17.52 -20.31
C PRO A 30 -2.72 -16.30 -19.55
N ALA A 31 -3.10 -15.98 -18.31
CA ALA A 31 -2.52 -14.84 -17.64
C ALA A 31 -2.12 -15.25 -16.21
N TRP A 32 -1.05 -16.03 -16.14
CA TRP A 32 -0.55 -16.50 -14.86
C TRP A 32 0.69 -15.68 -14.49
N GLY A 33 1.52 -16.28 -13.65
CA GLY A 33 2.75 -15.63 -13.23
C GLY A 33 3.90 -16.62 -13.16
N GLY A 34 4.59 -16.61 -12.02
CA GLY A 34 5.72 -17.50 -11.82
C GLY A 34 5.39 -18.58 -10.80
N ARG A 35 5.66 -18.27 -9.54
CA ARG A 35 5.39 -19.21 -8.45
C ARG A 35 4.03 -18.92 -7.83
N CYS A 36 2.99 -19.31 -8.54
CA CYS A 36 1.63 -19.09 -8.07
C CYS A 36 1.04 -20.45 -7.64
#